data_4AVS
#
_entry.id   4AVS
#
_cell.length_a   94.966
_cell.length_b   69.937
_cell.length_c   102.347
_cell.angle_alpha   90.00
_cell.angle_beta   96.97
_cell.angle_gamma   90.00
#
_symmetry.space_group_name_H-M   'P 1 21 1'
#
loop_
_entity.id
_entity.type
_entity.pdbx_description
1 polymer 'SERUM AMYLOID P-COMPONENT'
2 non-polymer 2-acetamido-2-deoxy-beta-D-glucopyranose
3 non-polymer 'CALCIUM ION'
4 non-polymer 1-ACETYL-L-PROLINE
5 water water
#
_entity_poly.entity_id   1
_entity_poly.type   'polypeptide(L)'
_entity_poly.pdbx_seq_one_letter_code
;HTDLSGKVFVFPRESVTDHVNLITPLEKPLQNFTLCFRAYSDLSRAYSLFSYNTQGRDNELLVYKERVGEYSLYIGRHKV
TSKVIEKFPAPVHICVSWESSSGIAEFWINGTPLVKKGLRQGYFVEAQPKIVLGQEQDSYGGKFDRSQSFVGEIGDLYMW
DSVLPPENILSAYQGTPLPANILDWQALNYEIRGYVIIKPLVWV
;
_entity_poly.pdbx_strand_id   A,B,C,D,E
#
loop_
_chem_comp.id
_chem_comp.type
_chem_comp.name
_chem_comp.formula
CA non-polymer 'CALCIUM ION' 'Ca 2'
NAG D-saccharide, beta linking 2-acetamido-2-deoxy-beta-D-glucopyranose 'C8 H15 N O6'
#
# COMPACT_ATOMS: atom_id res chain seq x y z
N HIS A 1 45.75 13.34 2.06
CA HIS A 1 44.42 12.68 2.19
C HIS A 1 43.54 13.49 3.12
N THR A 2 42.26 13.14 3.11
CA THR A 2 41.23 13.97 3.73
C THR A 2 40.21 13.11 4.46
N ASP A 3 39.81 13.57 5.65
CA ASP A 3 38.72 12.95 6.39
C ASP A 3 37.41 13.61 5.96
N LEU A 4 36.65 12.86 5.17
CA LEU A 4 35.37 13.36 4.67
C LEU A 4 34.21 12.96 5.57
N SER A 5 34.49 12.54 6.80
CA SER A 5 33.42 12.25 7.77
C SER A 5 32.40 13.38 7.79
N GLY A 6 31.13 13.01 7.68
CA GLY A 6 30.06 13.98 7.79
C GLY A 6 29.81 14.73 6.50
N LYS A 7 30.50 14.37 5.41
CA LYS A 7 30.40 15.06 4.13
C LYS A 7 30.07 14.09 3.00
N VAL A 8 29.57 14.65 1.92
CA VAL A 8 29.26 13.92 0.68
C VAL A 8 29.83 14.65 -0.53
N PHE A 9 30.02 13.89 -1.60
CA PHE A 9 30.19 14.49 -2.92
C PHE A 9 28.81 14.69 -3.54
N VAL A 10 28.58 15.89 -4.05
CA VAL A 10 27.34 16.23 -4.77
C VAL A 10 27.68 16.36 -6.23
N PHE A 11 27.05 15.52 -7.04
CA PHE A 11 27.10 15.61 -8.49
C PHE A 11 25.81 16.29 -8.89
N PRO A 12 25.82 17.63 -9.11
CA PRO A 12 24.56 18.36 -9.06
C PRO A 12 23.79 18.41 -10.36
N ARG A 13 24.33 17.83 -11.43
CA ARG A 13 23.69 17.88 -12.75
C ARG A 13 24.11 16.71 -13.61
N GLU A 14 23.30 16.44 -14.61
CA GLU A 14 23.68 15.46 -15.63
C GLU A 14 24.75 16.08 -16.53
N SER A 15 25.76 15.29 -16.86
CA SER A 15 26.87 15.77 -17.67
C SER A 15 27.66 14.59 -18.16
N VAL A 16 28.61 14.84 -19.04
CA VAL A 16 29.59 13.84 -19.41
C VAL A 16 30.95 14.25 -18.87
N THR A 17 31.00 15.31 -18.06
CA THR A 17 32.26 15.90 -17.59
C THR A 17 32.53 15.71 -16.08
N ASP A 18 31.48 15.70 -15.28
CA ASP A 18 31.66 15.84 -13.83
C ASP A 18 31.98 14.49 -13.22
N HIS A 19 33.08 14.40 -12.49
CA HIS A 19 33.48 13.13 -11.90
C HIS A 19 34.50 13.30 -10.78
N VAL A 20 34.66 12.27 -9.97
CA VAL A 20 35.73 12.21 -8.99
C VAL A 20 36.59 10.99 -9.26
N ASN A 21 37.91 11.20 -9.32
CA ASN A 21 38.86 10.09 -9.36
C ASN A 21 39.26 9.72 -7.93
N LEU A 22 39.19 8.44 -7.61
CA LEU A 22 39.61 7.93 -6.31
C LEU A 22 40.93 7.23 -6.46
N ILE A 23 41.88 7.59 -5.61
CA ILE A 23 43.25 7.11 -5.73
C ILE A 23 43.57 6.10 -4.63
N THR A 24 44.02 4.93 -5.03
CA THR A 24 44.41 3.91 -4.07
C THR A 24 45.77 3.39 -4.49
N PRO A 25 46.63 3.01 -3.53
CA PRO A 25 47.94 2.44 -3.84
C PRO A 25 47.84 0.93 -4.05
N LEU A 26 46.84 0.47 -4.79
CA LEU A 26 46.62 -0.95 -4.98
C LEU A 26 47.36 -1.45 -6.21
N GLU A 27 48.38 -2.28 -6.00
CA GLU A 27 49.17 -2.79 -7.11
C GLU A 27 49.09 -4.31 -7.25
N LYS A 28 48.39 -4.96 -6.34
CA LYS A 28 48.23 -6.41 -6.43
C LYS A 28 46.80 -6.73 -6.82
N PRO A 29 46.64 -7.68 -7.73
CA PRO A 29 45.29 -8.10 -8.13
C PRO A 29 44.46 -8.57 -6.92
N LEU A 30 43.16 -8.28 -6.99
CA LEU A 30 42.24 -8.56 -5.89
C LEU A 30 41.57 -9.90 -6.04
N GLN A 31 41.60 -10.68 -4.97
CA GLN A 31 40.90 -11.95 -4.91
C GLN A 31 39.61 -11.81 -4.11
N ASN A 32 39.58 -10.86 -3.18
CA ASN A 32 38.45 -10.64 -2.28
C ASN A 32 38.28 -9.16 -2.09
N PHE A 33 37.05 -8.66 -2.00
CA PHE A 33 36.84 -7.28 -1.61
C PHE A 33 35.45 -7.10 -1.05
N THR A 34 35.29 -6.02 -0.29
CA THR A 34 34.00 -5.48 0.10
C THR A 34 34.01 -3.99 -0.19
N LEU A 35 32.93 -3.47 -0.76
CA LEU A 35 32.77 -2.05 -1.04
C LEU A 35 31.44 -1.60 -0.45
N CYS A 36 31.46 -0.56 0.39
N CYS A 36 31.43 -0.52 0.31
CA CYS A 36 30.25 0.05 0.96
CA CYS A 36 30.17 0.04 0.74
C CYS A 36 30.21 1.54 0.61
C CYS A 36 30.18 1.54 0.72
N PHE A 37 29.01 2.11 0.48
CA PHE A 37 28.85 3.54 0.36
C PHE A 37 27.38 3.87 0.52
N ARG A 38 27.10 5.14 0.72
CA ARG A 38 25.74 5.65 0.80
C ARG A 38 25.47 6.54 -0.39
N ALA A 39 24.28 6.43 -0.96
CA ALA A 39 23.95 7.24 -2.12
C ALA A 39 22.53 7.75 -2.01
N TYR A 40 22.29 8.91 -2.63
CA TYR A 40 20.96 9.49 -2.69
C TYR A 40 20.80 10.13 -4.07
N SER A 41 19.91 9.55 -4.86
CA SER A 41 19.68 10.01 -6.23
C SER A 41 18.20 9.89 -6.53
N ASP A 42 17.67 10.79 -7.35
CA ASP A 42 16.30 10.65 -7.81
C ASP A 42 16.22 10.40 -9.32
N LEU A 43 17.31 9.88 -9.89
CA LEU A 43 17.26 9.36 -11.24
C LEU A 43 16.43 8.08 -11.33
N SER A 44 15.66 7.98 -12.40
CA SER A 44 14.92 6.76 -12.70
C SER A 44 15.63 5.92 -13.75
N ARG A 45 16.42 6.57 -14.60
CA ARG A 45 17.17 5.87 -15.63
C ARG A 45 18.32 5.13 -14.96
N ALA A 46 19.02 4.31 -15.75
CA ALA A 46 20.17 3.58 -15.28
C ALA A 46 21.34 4.52 -15.00
N TYR A 47 22.19 4.11 -14.07
CA TYR A 47 23.40 4.86 -13.78
C TYR A 47 24.46 4.02 -13.11
N SER A 48 25.70 4.45 -13.28
CA SER A 48 26.83 3.85 -12.62
C SER A 48 27.02 4.44 -11.23
N LEU A 49 27.28 3.56 -10.26
CA LEU A 49 27.61 3.99 -8.89
C LEU A 49 29.11 3.98 -8.61
N PHE A 50 29.82 3.01 -9.16
CA PHE A 50 31.25 2.86 -8.88
C PHE A 50 31.90 2.16 -10.06
N SER A 51 32.84 2.85 -10.71
CA SER A 51 33.43 2.38 -11.96
C SER A 51 34.93 2.17 -11.78
N TYR A 52 35.37 0.94 -11.97
CA TYR A 52 36.77 0.55 -11.80
C TYR A 52 37.21 -0.15 -13.09
N ASN A 53 38.04 0.55 -13.87
CA ASN A 53 38.60 0.03 -15.12
C ASN A 53 40.10 -0.12 -14.99
N THR A 54 40.69 -1.01 -15.75
CA THR A 54 42.15 -1.12 -15.81
C THR A 54 42.58 -0.98 -17.27
N GLN A 55 43.88 -0.82 -17.49
CA GLN A 55 44.38 -0.65 -18.86
C GLN A 55 43.95 -1.83 -19.73
N GLY A 56 43.20 -1.55 -20.77
CA GLY A 56 42.75 -2.56 -21.70
C GLY A 56 41.49 -3.30 -21.26
N ARG A 57 40.94 -2.95 -20.09
CA ARG A 57 39.78 -3.69 -19.55
C ARG A 57 38.68 -2.76 -19.11
N ASP A 58 37.57 -2.82 -19.83
CA ASP A 58 36.35 -2.11 -19.41
C ASP A 58 35.60 -2.95 -18.39
N ASN A 59 34.86 -2.30 -17.50
CA ASN A 59 33.96 -2.97 -16.54
C ASN A 59 34.69 -4.06 -15.75
N GLU A 60 35.88 -3.73 -15.29
CA GLU A 60 36.66 -4.69 -14.52
C GLU A 60 36.01 -4.91 -13.15
N LEU A 61 35.54 -3.83 -12.53
CA LEU A 61 34.68 -3.94 -11.37
C LEU A 61 33.70 -2.78 -11.48
N LEU A 62 32.41 -3.07 -11.60
CA LEU A 62 31.44 -2.01 -11.81
C LEU A 62 30.21 -2.31 -10.99
N VAL A 63 29.77 -1.32 -10.23
CA VAL A 63 28.49 -1.38 -9.52
C VAL A 63 27.54 -0.46 -10.24
N TYR A 64 26.44 -1.04 -10.74
CA TYR A 64 25.56 -0.36 -11.67
C TYR A 64 24.13 -0.55 -11.25
N LYS A 65 23.33 0.50 -11.37
CA LYS A 65 21.92 0.42 -11.05
C LYS A 65 21.10 0.53 -12.33
N GLU A 66 20.56 -0.56 -12.86
CA GLU A 66 19.80 -0.51 -14.12
C GLU A 66 18.44 0.16 -13.96
N ARG A 67 17.81 -0.04 -12.81
CA ARG A 67 16.46 0.47 -12.56
C ARG A 67 16.17 0.30 -11.07
N VAL A 68 15.10 0.90 -10.60
CA VAL A 68 14.73 0.81 -9.20
C VAL A 68 14.61 -0.66 -8.77
N GLY A 69 15.16 -0.95 -7.61
CA GLY A 69 15.07 -2.27 -7.01
C GLY A 69 16.01 -3.35 -7.56
N GLU A 70 16.98 -2.96 -8.38
CA GLU A 70 17.88 -3.91 -9.02
C GLU A 70 19.31 -3.40 -9.04
N TYR A 71 20.19 -4.17 -8.43
CA TYR A 71 21.60 -3.79 -8.32
C TYR A 71 22.44 -4.82 -9.06
N SER A 72 23.39 -4.32 -9.86
CA SER A 72 24.29 -5.18 -10.60
C SER A 72 25.73 -4.99 -10.21
N LEU A 73 26.45 -6.11 -10.20
CA LEU A 73 27.89 -6.11 -10.07
C LEU A 73 28.49 -6.76 -11.30
N TYR A 74 29.47 -6.08 -11.90
CA TYR A 74 30.29 -6.66 -12.96
C TYR A 74 31.66 -6.94 -12.39
N ILE A 75 32.16 -8.14 -12.68
CA ILE A 75 33.52 -8.53 -12.38
C ILE A 75 34.10 -9.02 -13.70
N GLY A 76 35.11 -8.31 -14.20
CA GLY A 76 35.72 -8.70 -15.44
C GLY A 76 34.73 -8.88 -16.57
N ARG A 77 33.80 -7.92 -16.67
CA ARG A 77 32.80 -7.89 -17.74
C ARG A 77 31.65 -8.88 -17.60
N HIS A 78 31.73 -9.82 -16.66
CA HIS A 78 30.62 -10.70 -16.35
C HIS A 78 29.70 -9.99 -15.33
N LYS A 79 28.40 -10.23 -15.39
CA LYS A 79 27.45 -9.52 -14.52
C LYS A 79 26.61 -10.48 -13.69
N VAL A 80 26.29 -10.02 -12.48
CA VAL A 80 25.18 -10.56 -11.73
C VAL A 80 24.29 -9.43 -11.27
N THR A 81 23.02 -9.75 -11.03
CA THR A 81 22.04 -8.75 -10.63
C THR A 81 21.16 -9.36 -9.53
N SER A 82 20.92 -8.63 -8.46
N SER A 82 20.86 -8.55 -8.53
CA SER A 82 19.95 -9.07 -7.44
CA SER A 82 20.08 -8.94 -7.37
C SER A 82 18.97 -7.95 -7.11
C SER A 82 18.96 -7.91 -7.12
N LYS A 83 17.81 -8.38 -6.66
CA LYS A 83 16.64 -7.52 -6.50
C LYS A 83 16.34 -7.26 -5.04
N VAL A 84 15.68 -6.13 -4.80
CA VAL A 84 15.32 -5.73 -3.45
C VAL A 84 14.08 -4.85 -3.51
N ILE A 85 13.28 -4.92 -2.45
CA ILE A 85 12.20 -3.97 -2.22
C ILE A 85 12.78 -2.68 -1.68
N GLU A 86 12.55 -1.58 -2.37
CA GLU A 86 13.06 -0.27 -1.92
C GLU A 86 12.10 0.83 -2.35
N LYS A 87 12.08 1.92 -1.59
CA LYS A 87 11.28 3.09 -1.91
C LYS A 87 12.03 3.95 -2.90
N PHE A 88 11.31 4.80 -3.62
CA PHE A 88 11.94 5.71 -4.57
C PHE A 88 11.25 7.06 -4.57
N PRO A 89 12.02 8.16 -4.43
CA PRO A 89 13.45 8.21 -4.15
C PRO A 89 13.71 7.98 -2.68
N ALA A 90 14.92 7.51 -2.38
CA ALA A 90 15.30 7.29 -0.98
C ALA A 90 16.79 7.12 -0.85
N PRO A 91 17.35 7.64 0.22
CA PRO A 91 18.75 7.34 0.51
C PRO A 91 18.92 5.83 0.65
N VAL A 92 20.09 5.35 0.27
CA VAL A 92 20.39 3.95 0.39
C VAL A 92 21.82 3.73 0.86
N HIS A 93 22.02 2.69 1.66
CA HIS A 93 23.34 2.20 1.98
C HIS A 93 23.56 0.90 1.22
N ILE A 94 24.62 0.84 0.44
CA ILE A 94 24.91 -0.29 -0.42
C ILE A 94 26.25 -0.89 -0.02
N CYS A 95 26.29 -2.18 0.26
N CYS A 95 26.29 -2.20 0.13
CA CYS A 95 27.55 -2.91 0.33
CA CYS A 95 27.53 -2.91 0.36
C CYS A 95 27.51 -4.03 -0.68
C CYS A 95 27.55 -4.14 -0.53
N VAL A 96 28.66 -4.38 -1.20
CA VAL A 96 28.79 -5.54 -2.06
C VAL A 96 30.15 -6.17 -1.80
N SER A 97 30.19 -7.47 -1.65
CA SER A 97 31.43 -8.21 -1.52
C SER A 97 31.52 -9.25 -2.59
N TRP A 98 32.73 -9.71 -2.85
CA TRP A 98 33.00 -10.76 -3.83
C TRP A 98 34.23 -11.52 -3.42
N GLU A 99 34.15 -12.84 -3.58
CA GLU A 99 35.20 -13.77 -3.17
C GLU A 99 35.56 -14.63 -4.38
N SER A 100 36.79 -14.54 -4.87
CA SER A 100 37.19 -15.31 -6.04
C SER A 100 37.06 -16.83 -5.80
N SER A 101 37.41 -17.31 -4.63
CA SER A 101 37.47 -18.75 -4.44
C SER A 101 36.14 -19.46 -4.69
N SER A 102 35.03 -18.80 -4.36
CA SER A 102 33.69 -19.36 -4.57
C SER A 102 32.96 -18.67 -5.71
N GLY A 103 33.43 -17.51 -6.10
CA GLY A 103 32.73 -16.63 -7.00
C GLY A 103 31.52 -15.90 -6.42
N ILE A 104 31.27 -16.04 -5.13
CA ILE A 104 30.05 -15.48 -4.56
C ILE A 104 30.10 -13.98 -4.36
N ALA A 105 29.07 -13.31 -4.85
CA ALA A 105 28.83 -11.88 -4.67
C ALA A 105 27.65 -11.71 -3.73
N GLU A 106 27.85 -10.87 -2.72
CA GLU A 106 26.84 -10.57 -1.73
C GLU A 106 26.53 -9.08 -1.73
N PHE A 107 25.31 -8.72 -2.08
CA PHE A 107 24.82 -7.36 -1.91
C PHE A 107 24.08 -7.25 -0.58
N TRP A 108 24.27 -6.13 0.09
CA TRP A 108 23.52 -5.75 1.29
C TRP A 108 22.98 -4.35 1.06
N ILE A 109 21.68 -4.18 1.19
CA ILE A 109 21.03 -2.90 0.95
C ILE A 109 20.36 -2.47 2.25
N ASN A 110 20.76 -1.33 2.81
CA ASN A 110 20.24 -0.88 4.11
C ASN A 110 20.34 -1.96 5.19
N GLY A 111 21.47 -2.68 5.17
CA GLY A 111 21.75 -3.68 6.17
C GLY A 111 21.00 -4.99 6.01
N THR A 112 20.34 -5.18 4.89
N THR A 112 20.29 -5.17 4.89
CA THR A 112 19.64 -6.43 4.64
CA THR A 112 19.55 -6.41 4.61
C THR A 112 20.28 -7.14 3.46
C THR A 112 20.19 -7.15 3.43
N PRO A 113 20.49 -8.43 3.61
CA PRO A 113 21.17 -9.17 2.55
C PRO A 113 20.24 -9.50 1.40
N LEU A 114 20.73 -9.31 0.18
CA LEU A 114 20.06 -9.77 -1.03
C LEU A 114 20.42 -11.23 -1.29
N VAL A 115 19.77 -11.84 -2.25
CA VAL A 115 20.12 -13.20 -2.63
C VAL A 115 21.53 -13.24 -3.20
N LYS A 116 22.36 -14.15 -2.72
CA LYS A 116 23.72 -14.33 -3.24
C LYS A 116 23.71 -14.83 -4.68
N LYS A 117 24.65 -14.34 -5.48
CA LYS A 117 24.83 -14.79 -6.85
C LYS A 117 26.30 -15.13 -7.00
N GLY A 118 26.68 -15.77 -8.10
CA GLY A 118 28.07 -16.15 -8.30
C GLY A 118 28.53 -15.88 -9.71
N LEU A 119 29.78 -15.44 -9.81
CA LEU A 119 30.43 -15.16 -11.09
C LEU A 119 31.95 -15.18 -10.91
N ARG A 120 32.63 -15.53 -12.00
CA ARG A 120 34.09 -15.38 -12.09
C ARG A 120 34.84 -16.13 -10.98
N GLN A 121 34.34 -17.30 -10.61
CA GLN A 121 35.06 -18.14 -9.67
C GLN A 121 36.48 -18.38 -10.19
N GLY A 122 37.47 -18.08 -9.34
CA GLY A 122 38.88 -18.28 -9.67
C GLY A 122 39.58 -17.11 -10.35
N TYR A 123 38.83 -16.07 -10.71
CA TYR A 123 39.36 -14.88 -11.38
C TYR A 123 40.08 -13.97 -10.39
N PHE A 124 41.05 -13.21 -10.88
CA PHE A 124 41.68 -12.13 -10.12
C PHE A 124 41.31 -10.78 -10.75
N VAL A 125 40.70 -9.88 -9.97
CA VAL A 125 40.42 -8.54 -10.48
C VAL A 125 41.73 -7.80 -10.70
N GLU A 126 41.89 -7.24 -11.90
CA GLU A 126 43.16 -6.62 -12.28
C GLU A 126 43.48 -5.41 -11.42
N ALA A 127 44.79 -5.20 -11.24
CA ALA A 127 45.31 -4.12 -10.41
C ALA A 127 45.57 -2.84 -11.22
N GLN A 128 46.10 -1.83 -10.55
CA GLN A 128 46.38 -0.51 -11.15
C GLN A 128 45.15 0.09 -11.83
N PRO A 129 44.06 0.21 -11.06
CA PRO A 129 42.81 0.73 -11.62
C PRO A 129 42.75 2.23 -11.69
N LYS A 130 41.89 2.70 -12.57
CA LYS A 130 41.32 4.04 -12.46
C LYS A 130 39.92 3.83 -11.90
N ILE A 131 39.62 4.55 -10.81
CA ILE A 131 38.36 4.42 -10.09
C ILE A 131 37.64 5.75 -10.16
N VAL A 132 36.41 5.73 -10.67
CA VAL A 132 35.66 6.93 -10.92
C VAL A 132 34.28 6.88 -10.31
N LEU A 133 33.92 7.96 -9.62
CA LEU A 133 32.54 8.23 -9.21
C LEU A 133 31.96 9.29 -10.10
N GLY A 134 30.66 9.17 -10.40
CA GLY A 134 29.95 10.19 -11.15
C GLY A 134 29.73 9.87 -12.61
N GLN A 135 30.60 9.03 -13.16
CA GLN A 135 30.54 8.64 -14.57
C GLN A 135 30.88 7.17 -14.68
N GLU A 136 30.45 6.58 -15.78
CA GLU A 136 30.81 5.21 -16.12
C GLU A 136 31.96 5.24 -17.16
N GLN A 137 33.07 4.58 -16.86
CA GLN A 137 34.22 4.57 -17.77
C GLN A 137 34.04 3.58 -18.88
N ASP A 138 34.38 3.95 -20.11
CA ASP A 138 34.54 2.98 -21.20
C ASP A 138 35.99 2.87 -21.66
N SER A 139 36.87 3.71 -21.14
CA SER A 139 38.31 3.60 -21.37
C SER A 139 39.04 3.61 -20.03
N TYR A 140 40.37 3.70 -20.05
CA TYR A 140 41.14 3.75 -18.81
C TYR A 140 41.14 5.19 -18.32
N GLY A 141 40.07 5.54 -17.60
CA GLY A 141 39.94 6.86 -17.00
C GLY A 141 38.93 7.76 -17.69
N GLY A 142 38.32 7.32 -18.77
CA GLY A 142 37.49 8.19 -19.58
C GLY A 142 36.40 7.51 -20.40
N LYS A 143 36.06 8.15 -21.52
CA LYS A 143 35.01 7.71 -22.42
C LYS A 143 33.68 7.54 -21.69
N PHE A 144 33.25 8.65 -21.08
CA PHE A 144 32.02 8.70 -20.30
C PHE A 144 30.75 8.78 -21.18
N ASP A 145 29.59 8.56 -20.56
CA ASP A 145 28.33 8.52 -21.29
C ASP A 145 27.31 9.22 -20.41
N ARG A 146 26.80 10.36 -20.89
CA ARG A 146 25.85 11.16 -20.15
C ARG A 146 24.67 10.35 -19.62
N SER A 147 24.21 9.38 -20.40
CA SER A 147 23.04 8.61 -20.02
C SER A 147 23.33 7.57 -18.93
N GLN A 148 24.58 7.46 -18.52
CA GLN A 148 24.98 6.58 -17.42
C GLN A 148 25.55 7.35 -16.24
N SER A 149 25.55 8.67 -16.35
CA SER A 149 26.14 9.50 -15.30
C SER A 149 25.30 9.45 -14.03
N PHE A 150 25.96 9.61 -12.90
CA PHE A 150 25.29 9.65 -11.62
C PHE A 150 25.02 11.10 -11.22
N VAL A 151 23.77 11.40 -10.93
CA VAL A 151 23.37 12.71 -10.46
C VAL A 151 22.82 12.48 -9.08
N GLY A 152 23.35 13.17 -8.09
CA GLY A 152 22.96 12.99 -6.70
C GLY A 152 24.14 13.06 -5.77
N GLU A 153 24.03 12.41 -4.62
CA GLU A 153 25.03 12.53 -3.56
C GLU A 153 25.56 11.17 -3.19
N ILE A 154 26.87 11.11 -2.96
CA ILE A 154 27.51 9.88 -2.46
C ILE A 154 28.42 10.18 -1.29
N GLY A 155 28.34 9.37 -0.24
CA GLY A 155 29.28 9.50 0.86
C GLY A 155 29.58 8.19 1.53
N ASP A 156 30.37 8.27 2.58
CA ASP A 156 30.66 7.11 3.45
C ASP A 156 31.14 5.90 2.63
N LEU A 157 32.07 6.15 1.74
CA LEU A 157 32.60 5.10 0.88
C LEU A 157 33.85 4.45 1.47
N TYR A 158 33.83 3.13 1.56
CA TYR A 158 34.92 2.33 2.09
C TYR A 158 35.10 1.11 1.22
N MET A 159 36.35 0.70 1.02
CA MET A 159 36.63 -0.52 0.29
C MET A 159 37.74 -1.28 1.02
N TRP A 160 37.50 -2.54 1.30
CA TRP A 160 38.37 -3.47 2.00
C TRP A 160 38.82 -4.56 1.08
N ASP A 161 40.02 -5.08 1.29
CA ASP A 161 40.52 -6.23 0.52
C ASP A 161 40.15 -7.60 1.09
N SER A 162 39.02 -7.65 1.78
CA SER A 162 38.51 -8.88 2.36
C SER A 162 36.99 -8.87 2.24
N VAL A 163 36.38 -10.02 2.50
CA VAL A 163 34.93 -10.14 2.54
C VAL A 163 34.48 -9.92 3.97
N LEU A 164 33.70 -8.86 4.20
CA LEU A 164 33.28 -8.53 5.56
C LEU A 164 32.17 -9.48 6.02
N PRO A 165 32.23 -9.92 7.28
CA PRO A 165 31.09 -10.64 7.85
C PRO A 165 29.92 -9.70 8.15
N PRO A 166 28.74 -10.26 8.38
CA PRO A 166 27.55 -9.44 8.60
C PRO A 166 27.70 -8.36 9.66
N GLU A 167 28.35 -8.70 10.77
CA GLU A 167 28.46 -7.71 11.84
C GLU A 167 29.21 -6.46 11.39
N ASN A 168 30.22 -6.63 10.57
CA ASN A 168 31.02 -5.50 10.09
C ASN A 168 30.26 -4.71 9.04
N ILE A 169 29.41 -5.39 8.25
CA ILE A 169 28.53 -4.69 7.29
C ILE A 169 27.52 -3.83 8.05
N LEU A 170 26.94 -4.39 9.09
CA LEU A 170 25.98 -3.64 9.88
C LEU A 170 26.65 -2.45 10.58
N SER A 171 27.87 -2.62 11.05
CA SER A 171 28.61 -1.52 11.63
C SER A 171 28.79 -0.38 10.63
N ALA A 172 29.14 -0.72 9.39
CA ALA A 172 29.22 0.32 8.37
C ALA A 172 27.87 1.03 8.15
N TYR A 173 26.81 0.23 8.03
CA TYR A 173 25.48 0.78 7.82
C TYR A 173 25.12 1.76 8.93
N GLN A 174 25.46 1.38 10.17
CA GLN A 174 25.09 2.17 11.36
C GLN A 174 26.00 3.36 11.61
N GLY A 175 27.09 3.49 10.87
CA GLY A 175 27.94 4.66 10.99
C GLY A 175 29.23 4.45 11.76
N THR A 176 29.58 3.20 12.02
CA THR A 176 30.85 2.89 12.66
C THR A 176 31.64 1.84 11.88
N PRO A 177 32.01 2.19 10.65
CA PRO A 177 32.73 1.24 9.81
C PRO A 177 34.10 0.93 10.36
N LEU A 178 34.55 -0.28 10.09
CA LEU A 178 35.92 -0.66 10.38
C LEU A 178 36.86 0.08 9.44
N PRO A 179 38.09 0.36 9.87
CA PRO A 179 39.04 0.97 8.94
C PRO A 179 39.23 0.13 7.67
N ALA A 180 39.43 0.78 6.54
CA ALA A 180 39.37 0.13 5.23
C ALA A 180 40.65 0.39 4.44
N ASN A 181 41.25 -0.68 3.96
CA ASN A 181 42.61 -0.62 3.42
C ASN A 181 42.77 -0.39 1.92
N ILE A 182 41.67 -0.35 1.16
CA ILE A 182 41.75 0.05 -0.24
C ILE A 182 41.30 1.50 -0.44
N LEU A 183 40.10 1.82 0.06
CA LEU A 183 39.59 3.18 0.05
C LEU A 183 38.94 3.47 1.40
N ASP A 184 39.16 4.65 1.96
CA ASP A 184 38.62 4.97 3.27
C ASP A 184 38.16 6.42 3.29
N TRP A 185 36.86 6.61 3.49
CA TRP A 185 36.25 7.94 3.54
C TRP A 185 36.91 8.86 4.56
N GLN A 186 37.54 8.28 5.60
CA GLN A 186 38.14 9.07 6.68
C GLN A 186 39.60 9.38 6.41
N ALA A 187 40.11 8.90 5.28
CA ALA A 187 41.48 9.15 4.85
C ALA A 187 41.54 8.95 3.34
N LEU A 188 40.85 9.82 2.63
CA LEU A 188 40.60 9.63 1.20
C LEU A 188 41.46 10.54 0.33
N ASN A 189 42.04 9.93 -0.71
CA ASN A 189 42.82 10.64 -1.72
C ASN A 189 41.96 10.68 -2.98
N TYR A 190 41.55 11.88 -3.36
CA TYR A 190 40.61 12.03 -4.47
C TYR A 190 40.97 13.25 -5.32
N GLU A 191 40.42 13.28 -6.53
CA GLU A 191 40.52 14.44 -7.43
C GLU A 191 39.15 14.77 -7.99
N ILE A 192 38.69 15.99 -7.76
CA ILE A 192 37.45 16.46 -8.36
C ILE A 192 37.73 17.00 -9.77
N ARG A 193 36.89 16.60 -10.73
CA ARG A 193 36.94 17.15 -12.07
C ARG A 193 35.56 17.65 -12.46
N GLY A 194 35.48 18.85 -13.03
CA GLY A 194 34.20 19.40 -13.38
C GLY A 194 33.41 19.84 -12.16
N TYR A 195 32.10 19.73 -12.28
CA TYR A 195 31.19 20.29 -11.30
C TYR A 195 30.80 19.22 -10.29
N VAL A 196 31.55 19.19 -9.19
CA VAL A 196 31.31 18.31 -8.06
C VAL A 196 31.59 19.15 -6.83
N ILE A 197 30.66 19.15 -5.89
CA ILE A 197 30.74 20.00 -4.72
C ILE A 197 30.72 19.13 -3.45
N ILE A 198 31.57 19.44 -2.49
CA ILE A 198 31.55 18.76 -1.21
C ILE A 198 30.65 19.52 -0.24
N LYS A 199 29.68 18.81 0.33
CA LYS A 199 28.71 19.40 1.25
C LYS A 199 28.53 18.52 2.47
N PRO A 200 28.01 19.08 3.56
CA PRO A 200 27.65 18.21 4.69
C PRO A 200 26.61 17.16 4.27
N LEU A 201 26.69 16.00 4.90
CA LEU A 201 25.70 14.94 4.78
C LEU A 201 24.52 15.29 5.68
N VAL A 202 23.36 15.57 5.08
CA VAL A 202 22.21 16.00 5.86
C VAL A 202 21.07 15.00 5.87
N TRP A 203 21.23 13.94 5.09
CA TRP A 203 20.14 12.96 4.92
C TRP A 203 20.40 11.65 5.65
N VAL A 204 21.47 11.55 6.41
CA VAL A 204 21.62 10.41 7.32
C VAL A 204 21.57 10.90 8.76
N HIS B 1 3.98 45.30 7.15
CA HIS B 1 2.99 46.11 7.89
C HIS B 1 1.98 45.28 8.67
N THR B 2 1.93 43.96 8.45
CA THR B 2 0.92 43.12 9.07
C THR B 2 1.48 41.81 9.64
N ASP B 3 1.05 41.45 10.84
CA ASP B 3 1.41 40.16 11.43
C ASP B 3 0.35 39.12 11.04
N LEU B 4 0.75 38.16 10.20
CA LEU B 4 -0.20 37.16 9.71
C LEU B 4 -0.08 35.85 10.49
N SER B 5 0.52 35.88 11.68
CA SER B 5 0.64 34.69 12.52
C SER B 5 -0.72 34.02 12.63
N GLY B 6 -0.77 32.73 12.38
CA GLY B 6 -1.99 31.98 12.56
C GLY B 6 -2.94 32.05 11.37
N LYS B 7 -2.54 32.76 10.30
CA LYS B 7 -3.42 33.00 9.14
C LYS B 7 -2.79 32.51 7.84
N VAL B 8 -3.62 32.35 6.83
CA VAL B 8 -3.21 31.95 5.49
C VAL B 8 -3.85 32.85 4.47
N PHE B 9 -3.24 32.94 3.29
CA PHE B 9 -3.91 33.45 2.10
C PHE B 9 -4.65 32.29 1.45
N VAL B 10 -5.92 32.50 1.13
CA VAL B 10 -6.71 31.53 0.38
C VAL B 10 -6.97 32.08 -1.02
N PHE B 11 -6.51 31.33 -2.02
CA PHE B 11 -6.74 31.60 -3.43
C PHE B 11 -7.86 30.64 -3.84
N PRO B 12 -9.12 31.11 -3.80
CA PRO B 12 -10.20 30.14 -3.73
C PRO B 12 -10.69 29.59 -5.07
N ARG B 13 -10.16 30.10 -6.17
CA ARG B 13 -10.59 29.66 -7.49
C ARG B 13 -9.49 29.91 -8.50
N GLU B 14 -9.55 29.18 -9.60
CA GLU B 14 -8.66 29.36 -10.72
C GLU B 14 -9.02 30.66 -11.46
N SER B 15 -8.01 31.42 -11.85
CA SER B 15 -8.22 32.70 -12.53
C SER B 15 -6.92 33.14 -13.17
N VAL B 16 -6.96 34.19 -13.98
CA VAL B 16 -5.75 34.81 -14.50
C VAL B 16 -5.49 36.16 -13.80
N THR B 17 -6.18 36.39 -12.70
CA THR B 17 -6.19 37.68 -12.01
C THR B 17 -5.77 37.67 -10.53
N ASP B 18 -6.24 36.69 -9.78
CA ASP B 18 -6.15 36.71 -8.33
C ASP B 18 -4.72 36.49 -7.89
N HIS B 19 -4.17 37.40 -7.09
CA HIS B 19 -2.80 37.25 -6.62
C HIS B 19 -2.50 38.14 -5.44
N VAL B 20 -1.36 37.87 -4.80
CA VAL B 20 -0.84 38.74 -3.77
C VAL B 20 0.53 39.21 -4.21
N ASN B 21 0.75 40.51 -4.11
CA ASN B 21 2.06 41.10 -4.31
C ASN B 21 2.76 41.21 -2.97
N LEU B 22 3.98 40.69 -2.90
CA LEU B 22 4.77 40.78 -1.68
C LEU B 22 5.88 41.78 -1.88
N ILE B 23 6.06 42.65 -0.92
CA ILE B 23 7.01 43.75 -1.06
C ILE B 23 8.14 43.60 -0.04
N THR B 24 9.36 43.51 -0.52
CA THR B 24 10.52 43.53 0.38
C THR B 24 11.19 44.91 0.27
N PRO B 25 11.64 45.47 1.40
CA PRO B 25 12.40 46.71 1.37
C PRO B 25 13.88 46.46 1.24
N LEU B 26 14.28 45.20 1.37
CA LEU B 26 15.68 44.92 1.16
C LEU B 26 15.79 45.08 -0.33
N GLU B 27 16.78 45.82 -0.76
CA GLU B 27 17.01 45.95 -2.17
C GLU B 27 18.45 45.64 -2.40
N LYS B 28 18.68 44.45 -2.93
CA LYS B 28 20.02 43.99 -3.20
C LYS B 28 19.92 42.75 -4.05
N PRO B 29 20.93 42.51 -4.86
CA PRO B 29 21.01 41.23 -5.56
C PRO B 29 21.19 40.12 -4.53
N LEU B 30 20.74 38.92 -4.86
CA LEU B 30 20.87 37.80 -3.95
C LEU B 30 21.93 36.82 -4.42
N GLN B 31 22.89 36.57 -3.55
CA GLN B 31 23.87 35.53 -3.73
C GLN B 31 23.48 34.26 -2.98
N ASN B 32 22.76 34.43 -1.88
CA ASN B 32 22.30 33.34 -1.02
C ASN B 32 20.86 33.64 -0.61
N PHE B 33 20.01 32.63 -0.56
CA PHE B 33 18.70 32.81 0.06
C PHE B 33 18.15 31.49 0.53
N THR B 34 17.18 31.61 1.44
CA THR B 34 16.31 30.50 1.80
C THR B 34 14.89 31.03 1.82
N LEU B 35 13.97 30.23 1.30
CA LEU B 35 12.55 30.55 1.29
C LEU B 35 11.80 29.35 1.85
N CYS B 36 10.95 29.59 2.86
N CYS B 36 10.92 29.57 2.81
CA CYS B 36 10.11 28.55 3.47
CA CYS B 36 10.06 28.49 3.24
C CYS B 36 8.66 29.03 3.44
C CYS B 36 8.66 28.99 3.51
N PHE B 37 7.72 28.10 3.29
CA PHE B 37 6.32 28.40 3.44
C PHE B 37 5.55 27.08 3.52
N ARG B 38 4.29 27.18 3.93
CA ARG B 38 3.37 26.06 3.93
C ARG B 38 2.34 26.25 2.83
N ALA B 39 1.94 25.16 2.20
CA ALA B 39 0.94 25.23 1.15
C ALA B 39 0.00 24.04 1.24
N TYR B 40 -1.22 24.26 0.80
CA TYR B 40 -2.20 23.20 0.75
C TYR B 40 -3.05 23.41 -0.52
N SER B 41 -2.94 22.49 -1.46
CA SER B 41 -3.65 22.56 -2.73
C SER B 41 -4.04 21.16 -3.17
N ASP B 42 -5.18 21.04 -3.83
CA ASP B 42 -5.55 19.77 -4.45
C ASP B 42 -5.54 19.83 -5.97
N LEU B 43 -4.80 20.78 -6.54
CA LEU B 43 -4.56 20.77 -7.98
C LEU B 43 -3.66 19.62 -8.36
N SER B 44 -3.96 18.97 -9.48
CA SER B 44 -3.05 17.99 -10.09
C SER B 44 -2.22 18.56 -11.23
N ARG B 45 -2.72 19.60 -11.88
CA ARG B 45 -2.00 20.24 -12.95
C ARG B 45 -0.84 21.02 -12.35
N ALA B 46 0.03 21.53 -13.20
CA ALA B 46 1.15 22.34 -12.75
C ALA B 46 0.71 23.70 -12.21
N TYR B 47 1.48 24.23 -11.29
CA TYR B 47 1.21 25.55 -10.76
C TYR B 47 2.45 26.21 -10.16
N SER B 48 2.44 27.53 -10.15
CA SER B 48 3.46 28.31 -9.50
C SER B 48 3.20 28.48 -8.00
N LEU B 49 4.23 28.28 -7.20
CA LEU B 49 4.19 28.54 -5.77
C LEU B 49 4.72 29.92 -5.38
N PHE B 50 5.79 30.37 -6.02
CA PHE B 50 6.43 31.64 -5.66
C PHE B 50 7.13 32.15 -6.91
N SER B 51 6.71 33.31 -7.38
CA SER B 51 7.18 33.88 -8.64
C SER B 51 7.87 35.23 -8.40
N TYR B 52 9.15 35.31 -8.76
CA TYR B 52 9.99 36.50 -8.56
C TYR B 52 10.58 36.85 -9.93
N ASN B 53 10.13 37.98 -10.49
CA ASN B 53 10.59 38.48 -11.77
C ASN B 53 11.21 39.84 -11.55
N THR B 54 12.16 40.17 -12.41
CA THR B 54 12.75 41.52 -12.41
C THR B 54 12.53 42.15 -13.78
N GLN B 55 12.83 43.44 -13.90
CA GLN B 55 12.51 44.14 -15.14
C GLN B 55 13.24 43.50 -16.31
N GLY B 56 12.48 43.07 -17.30
CA GLY B 56 13.04 42.41 -18.47
C GLY B 56 13.53 41.00 -18.28
N ARG B 57 13.29 40.40 -17.10
CA ARG B 57 13.81 39.06 -16.81
C ARG B 57 12.72 38.18 -16.22
N ASP B 58 12.26 37.23 -17.01
CA ASP B 58 11.28 36.23 -16.55
C ASP B 58 11.98 35.16 -15.75
N ASN B 59 11.23 34.56 -14.84
CA ASN B 59 11.70 33.39 -14.08
C ASN B 59 13.06 33.62 -13.46
N GLU B 60 13.21 34.77 -12.81
CA GLU B 60 14.47 35.11 -12.17
C GLU B 60 14.67 34.27 -10.91
N LEU B 61 13.58 34.04 -10.18
CA LEU B 61 13.55 33.11 -9.07
C LEU B 61 12.13 32.55 -9.06
N LEU B 62 11.96 31.27 -9.35
CA LEU B 62 10.62 30.69 -9.42
C LEU B 62 10.59 29.32 -8.77
N VAL B 63 9.64 29.12 -7.87
CA VAL B 63 9.37 27.81 -7.29
C VAL B 63 8.07 27.29 -7.91
N TYR B 64 8.16 26.16 -8.61
CA TYR B 64 7.10 25.68 -9.48
C TYR B 64 6.87 24.21 -9.22
N LYS B 65 5.60 23.81 -9.19
CA LYS B 65 5.22 22.43 -8.95
C LYS B 65 4.71 21.84 -10.26
N GLU B 66 5.52 21.02 -10.87
CA GLU B 66 5.25 20.45 -12.18
C GLU B 66 4.12 19.44 -12.15
N ARG B 67 4.15 18.62 -11.11
CA ARG B 67 3.22 17.52 -10.93
C ARG B 67 3.47 16.97 -9.54
N VAL B 68 2.64 16.04 -9.09
N VAL B 68 2.62 16.06 -9.08
CA VAL B 68 2.77 15.49 -7.75
CA VAL B 68 2.79 15.51 -7.75
C VAL B 68 4.16 14.86 -7.57
C VAL B 68 4.20 14.95 -7.62
N GLY B 69 4.77 15.18 -6.46
CA GLY B 69 6.06 14.62 -6.12
C GLY B 69 7.26 15.28 -6.76
N GLU B 70 7.10 16.39 -7.46
CA GLU B 70 8.21 17.04 -8.17
C GLU B 70 8.20 18.53 -7.97
N TYR B 71 9.29 19.02 -7.42
CA TYR B 71 9.47 20.44 -7.11
C TYR B 71 10.59 21.01 -7.95
N SER B 72 10.33 22.14 -8.58
CA SER B 72 11.33 22.80 -9.43
C SER B 72 11.70 24.17 -8.89
N LEU B 73 12.97 24.50 -9.04
CA LEU B 73 13.48 25.83 -8.77
C LEU B 73 14.10 26.38 -10.04
N TYR B 74 13.70 27.58 -10.43
CA TYR B 74 14.36 28.33 -11.48
C TYR B 74 15.17 29.45 -10.86
N ILE B 75 16.42 29.57 -11.32
CA ILE B 75 17.28 30.71 -11.02
C ILE B 75 17.72 31.28 -12.35
N GLY B 76 17.38 32.53 -12.63
CA GLY B 76 17.77 33.13 -13.90
C GLY B 76 17.43 32.30 -15.11
N ARG B 77 16.20 31.80 -15.15
CA ARG B 77 15.67 31.02 -16.26
C ARG B 77 16.19 29.58 -16.34
N HIS B 78 17.22 29.22 -15.59
CA HIS B 78 17.71 27.84 -15.57
C HIS B 78 16.91 27.08 -14.54
N LYS B 79 16.74 25.78 -14.71
CA LYS B 79 15.93 25.05 -13.74
C LYS B 79 16.56 23.77 -13.24
N VAL B 80 16.20 23.43 -12.00
CA VAL B 80 16.47 22.13 -11.43
C VAL B 80 15.17 21.57 -10.88
N THR B 81 15.07 20.25 -10.81
CA THR B 81 13.88 19.58 -10.29
C THR B 81 14.31 18.44 -9.39
N SER B 82 13.66 18.30 -8.24
CA SER B 82 13.90 17.15 -7.37
C SER B 82 12.60 16.50 -6.95
N LYS B 83 12.67 15.21 -6.66
CA LYS B 83 11.50 14.37 -6.44
C LYS B 83 11.37 13.97 -4.98
N VAL B 84 10.14 13.69 -4.56
CA VAL B 84 9.88 13.25 -3.21
C VAL B 84 8.63 12.37 -3.19
N ILE B 85 8.59 11.46 -2.23
CA ILE B 85 7.39 10.70 -1.93
C ILE B 85 6.47 11.57 -1.09
N GLU B 86 5.27 11.82 -1.61
CA GLU B 86 4.27 12.60 -0.88
C GLU B 86 2.88 12.03 -1.16
N LYS B 87 2.00 12.19 -0.18
CA LYS B 87 0.60 11.85 -0.34
C LYS B 87 -0.11 12.97 -1.08
N PHE B 88 -1.23 12.65 -1.71
CA PHE B 88 -1.98 13.66 -2.44
C PHE B 88 -3.47 13.49 -2.27
N PRO B 89 -4.21 14.57 -1.92
CA PRO B 89 -3.74 15.87 -1.47
C PRO B 89 -3.18 15.83 -0.05
N ALA B 90 -2.29 16.74 0.25
CA ALA B 90 -1.78 16.88 1.60
C ALA B 90 -1.13 18.25 1.79
N PRO B 91 -1.30 18.82 2.98
CA PRO B 91 -0.52 20.00 3.33
C PRO B 91 0.96 19.69 3.24
N VAL B 92 1.74 20.71 2.92
CA VAL B 92 3.17 20.56 2.82
C VAL B 92 3.89 21.78 3.38
N HIS B 93 5.05 21.55 3.96
CA HIS B 93 5.99 22.60 4.28
C HIS B 93 7.16 22.49 3.34
N ILE B 94 7.46 23.58 2.65
CA ILE B 94 8.51 23.63 1.64
C ILE B 94 9.56 24.64 2.05
N CYS B 95 10.82 24.20 2.11
N CYS B 95 10.82 24.22 1.97
CA CYS B 95 11.94 25.13 2.15
CA CYS B 95 11.93 25.11 2.16
C CYS B 95 12.79 24.89 0.90
C CYS B 95 12.91 24.89 1.03
N VAL B 96 13.34 25.97 0.37
CA VAL B 96 14.34 25.86 -0.68
C VAL B 96 15.39 26.92 -0.45
N SER B 97 16.65 26.51 -0.59
CA SER B 97 17.76 27.43 -0.48
C SER B 97 18.62 27.32 -1.73
N TRP B 98 19.36 28.37 -2.00
CA TRP B 98 20.31 28.38 -3.10
C TRP B 98 21.50 29.26 -2.72
N GLU B 99 22.67 28.78 -3.14
CA GLU B 99 23.96 29.39 -2.82
C GLU B 99 24.70 29.61 -4.13
N SER B 100 24.93 30.87 -4.49
CA SER B 100 25.63 31.17 -5.75
C SER B 100 27.05 30.58 -5.81
N SER B 101 27.79 30.61 -4.70
CA SER B 101 29.18 30.18 -4.74
C SER B 101 29.34 28.75 -5.25
N SER B 102 28.40 27.87 -4.87
CA SER B 102 28.42 26.49 -5.30
C SER B 102 27.37 26.15 -6.35
N GLY B 103 26.37 27.02 -6.47
CA GLY B 103 25.20 26.76 -7.27
C GLY B 103 24.22 25.77 -6.69
N ILE B 104 24.46 25.31 -5.48
CA ILE B 104 23.62 24.25 -4.92
C ILE B 104 22.27 24.78 -4.46
N ALA B 105 21.25 24.06 -4.90
CA ALA B 105 19.87 24.25 -4.47
C ALA B 105 19.45 23.07 -3.60
N GLU B 106 18.89 23.39 -2.44
CA GLU B 106 18.39 22.40 -1.49
C GLU B 106 16.92 22.58 -1.25
N PHE B 107 16.12 21.60 -1.64
CA PHE B 107 14.72 21.51 -1.23
C PHE B 107 14.59 20.65 0.01
N TRP B 108 13.75 21.11 0.94
CA TRP B 108 13.34 20.34 2.10
C TRP B 108 11.83 20.30 2.12
N ILE B 109 11.27 19.11 2.20
CA ILE B 109 9.83 18.91 2.19
C ILE B 109 9.43 18.26 3.50
N ASN B 110 8.58 18.95 4.27
CA ASN B 110 8.19 18.47 5.61
C ASN B 110 9.38 18.08 6.44
N GLY B 111 10.42 18.90 6.36
CA GLY B 111 11.60 18.70 7.19
C GLY B 111 12.56 17.65 6.69
N THR B 112 12.30 17.12 5.49
N THR B 112 12.30 17.05 5.52
CA THR B 112 13.11 16.06 4.88
CA THR B 112 13.20 16.04 5.00
C THR B 112 13.87 16.58 3.67
C THR B 112 13.87 16.56 3.73
N PRO B 113 15.18 16.36 3.62
CA PRO B 113 15.95 16.90 2.49
C PRO B 113 15.77 16.09 1.20
N LEU B 114 15.53 16.78 0.09
CA LEU B 114 15.53 16.19 -1.22
C LEU B 114 16.98 16.08 -1.73
N VAL B 115 17.20 15.38 -2.83
CA VAL B 115 18.51 15.34 -3.43
C VAL B 115 18.93 16.75 -3.87
N LYS B 116 20.14 17.18 -3.51
CA LYS B 116 20.67 18.48 -3.95
C LYS B 116 20.88 18.51 -5.46
N LYS B 117 20.63 19.67 -6.07
CA LYS B 117 20.93 19.86 -7.49
C LYS B 117 21.70 21.17 -7.59
N GLY B 118 22.20 21.48 -8.76
CA GLY B 118 23.04 22.66 -8.94
C GLY B 118 22.74 23.42 -10.20
N LEU B 119 22.79 24.73 -10.10
CA LEU B 119 22.53 25.60 -11.26
C LEU B 119 23.08 27.00 -10.98
N ARG B 120 23.43 27.69 -12.05
CA ARG B 120 23.78 29.10 -12.00
C ARG B 120 24.89 29.44 -11.02
N GLN B 121 25.88 28.57 -10.89
CA GLN B 121 27.01 28.88 -10.03
C GLN B 121 27.64 30.22 -10.46
N GLY B 122 27.84 31.12 -9.50
CA GLY B 122 28.45 32.42 -9.77
C GLY B 122 27.50 33.55 -10.12
N TYR B 123 26.24 33.20 -10.36
CA TYR B 123 25.21 34.17 -10.75
C TYR B 123 24.71 34.94 -9.53
N PHE B 124 24.21 36.15 -9.75
CA PHE B 124 23.52 36.93 -8.74
C PHE B 124 22.06 37.07 -9.17
N VAL B 125 21.12 36.63 -8.33
CA VAL B 125 19.71 36.89 -8.59
C VAL B 125 19.50 38.39 -8.55
N GLU B 126 18.86 38.93 -9.60
CA GLU B 126 18.72 40.37 -9.71
C GLU B 126 17.86 40.99 -8.63
N ALA B 127 18.16 42.25 -8.31
CA ALA B 127 17.43 43.04 -7.35
C ALA B 127 16.16 43.63 -7.94
N GLN B 128 15.37 44.23 -7.05
CA GLN B 128 14.15 44.96 -7.41
C GLN B 128 13.12 44.09 -8.10
N PRO B 129 12.70 43.03 -7.41
CA PRO B 129 11.71 42.12 -8.00
C PRO B 129 10.30 42.64 -7.84
N LYS B 130 9.42 42.04 -8.61
CA LYS B 130 8.01 41.89 -8.25
C LYS B 130 7.87 40.46 -7.80
N ILE B 131 7.30 40.27 -6.62
CA ILE B 131 7.13 38.96 -6.02
C ILE B 131 5.64 38.70 -5.91
N VAL B 132 5.20 37.60 -6.52
CA VAL B 132 3.78 37.28 -6.61
C VAL B 132 3.51 35.88 -6.09
N LEU B 133 2.46 35.78 -5.29
CA LEU B 133 1.81 34.51 -4.94
C LEU B 133 0.50 34.43 -5.70
N GLY B 134 0.18 33.22 -6.15
CA GLY B 134 -1.11 32.94 -6.74
C GLY B 134 -1.11 32.83 -8.26
N GLN B 135 -0.09 33.45 -8.88
CA GLN B 135 0.06 33.46 -10.32
C GLN B 135 1.53 33.37 -10.66
N GLU B 136 1.79 32.88 -11.86
CA GLU B 136 3.13 32.84 -12.43
C GLU B 136 3.30 34.05 -13.34
N GLN B 137 4.32 34.87 -13.08
CA GLN B 137 4.53 36.06 -13.92
C GLN B 137 5.27 35.70 -15.21
N ASP B 138 4.88 36.32 -16.32
CA ASP B 138 5.72 36.35 -17.54
C ASP B 138 6.23 37.74 -17.89
N SER B 139 5.83 38.75 -17.11
CA SER B 139 6.35 40.10 -17.25
C SER B 139 6.66 40.65 -15.87
N TYR B 140 7.03 41.92 -15.79
CA TYR B 140 7.34 42.53 -14.50
C TYR B 140 6.03 42.89 -13.80
N GLY B 141 5.52 41.94 -13.03
CA GLY B 141 4.30 42.13 -12.27
C GLY B 141 3.06 41.56 -12.91
N GLY B 142 3.17 40.93 -14.07
CA GLY B 142 1.98 40.52 -14.81
C GLY B 142 2.18 39.41 -15.83
N LYS B 143 1.36 39.44 -16.87
CA LYS B 143 1.28 38.42 -17.91
C LYS B 143 1.13 37.03 -17.30
N PHE B 144 0.05 36.90 -16.55
CA PHE B 144 -0.28 35.67 -15.84
C PHE B 144 -0.90 34.63 -16.80
N ASP B 145 -1.08 33.41 -16.31
CA ASP B 145 -1.57 32.29 -17.11
C ASP B 145 -2.47 31.45 -16.19
N ARG B 146 -3.75 31.35 -16.51
CA ARG B 146 -4.68 30.67 -15.64
C ARG B 146 -4.28 29.20 -15.42
N SER B 147 -3.67 28.59 -16.43
CA SER B 147 -3.26 27.20 -16.32
C SER B 147 -2.03 26.97 -15.42
N GLN B 148 -1.45 28.06 -14.91
CA GLN B 148 -0.33 28.00 -13.96
C GLN B 148 -0.70 28.63 -12.63
N SER B 149 -1.94 29.05 -12.48
CA SER B 149 -2.39 29.72 -11.26
C SER B 149 -2.44 28.75 -10.07
N PHE B 150 -2.23 29.29 -8.89
CA PHE B 150 -2.30 28.50 -7.66
C PHE B 150 -3.70 28.63 -7.06
N VAL B 151 -4.30 27.49 -6.74
CA VAL B 151 -5.59 27.44 -6.06
C VAL B 151 -5.33 26.67 -4.78
N GLY B 152 -5.70 27.25 -3.66
CA GLY B 152 -5.43 26.66 -2.37
C GLY B 152 -4.98 27.69 -1.38
N GLU B 153 -4.19 27.24 -0.40
CA GLU B 153 -3.83 28.07 0.75
C GLU B 153 -2.32 28.11 0.91
N ILE B 154 -1.80 29.30 1.24
CA ILE B 154 -0.37 29.48 1.55
C ILE B 154 -0.24 30.27 2.84
N GLY B 155 0.65 29.82 3.71
CA GLY B 155 0.92 30.53 4.94
C GLY B 155 2.36 30.35 5.39
N ASP B 156 2.68 31.01 6.50
CA ASP B 156 3.97 30.87 7.18
C ASP B 156 5.15 31.03 6.22
N LEU B 157 5.12 32.13 5.47
CA LEU B 157 6.16 32.42 4.49
C LEU B 157 7.25 33.31 5.05
N TYR B 158 8.48 32.85 4.88
CA TYR B 158 9.69 33.53 5.35
C TYR B 158 10.77 33.41 4.29
N MET B 159 11.54 34.48 4.14
CA MET B 159 12.65 34.47 3.20
C MET B 159 13.83 35.19 3.85
N TRP B 160 14.97 34.52 3.82
CA TRP B 160 16.21 35.00 4.43
C TRP B 160 17.24 35.18 3.34
N ASP B 161 18.17 36.12 3.53
CA ASP B 161 19.27 36.32 2.56
C ASP B 161 20.51 35.47 2.88
N SER B 162 20.30 34.30 3.48
CA SER B 162 21.34 33.34 3.81
C SER B 162 20.83 31.93 3.54
N VAL B 163 21.74 30.96 3.52
CA VAL B 163 21.39 29.54 3.43
C VAL B 163 21.22 28.98 4.82
N LEU B 164 20.00 28.57 5.16
CA LEU B 164 19.76 28.06 6.50
C LEU B 164 20.32 26.67 6.65
N PRO B 165 20.93 26.39 7.82
CA PRO B 165 21.36 25.03 8.13
C PRO B 165 20.16 24.19 8.55
N PRO B 166 20.33 22.87 8.57
CA PRO B 166 19.20 21.98 8.86
C PRO B 166 18.43 22.30 10.14
N GLU B 167 19.13 22.68 11.21
CA GLU B 167 18.45 22.94 12.46
C GLU B 167 17.47 24.11 12.32
N ASN B 168 17.83 25.11 11.52
CA ASN B 168 16.95 26.26 11.32
C ASN B 168 15.79 25.92 10.40
N ILE B 169 16.03 25.03 9.44
N ILE B 169 16.01 25.03 9.45
CA ILE B 169 14.97 24.50 8.60
CA ILE B 169 14.93 24.53 8.61
C ILE B 169 13.94 23.79 9.46
C ILE B 169 13.92 23.76 9.44
N LEU B 170 14.41 22.92 10.35
CA LEU B 170 13.51 22.17 11.21
C LEU B 170 12.72 23.10 12.12
N SER B 171 13.38 24.13 12.65
CA SER B 171 12.68 25.12 13.44
C SER B 171 11.52 25.76 12.66
N ALA B 172 11.76 26.13 11.41
CA ALA B 172 10.68 26.69 10.60
C ALA B 172 9.56 25.67 10.41
N TYR B 173 9.92 24.43 10.08
CA TYR B 173 8.93 23.38 9.88
C TYR B 173 8.08 23.20 11.15
N GLN B 174 8.72 23.29 12.31
CA GLN B 174 8.04 23.10 13.59
C GLN B 174 7.27 24.31 14.10
N GLY B 175 7.33 25.45 13.40
CA GLY B 175 6.56 26.62 13.77
C GLY B 175 7.31 27.66 14.60
N THR B 176 8.63 27.53 14.68
CA THR B 176 9.47 28.47 15.41
C THR B 176 10.63 28.99 14.56
N PRO B 177 10.31 29.59 13.41
CA PRO B 177 11.36 30.10 12.53
C PRO B 177 12.17 31.24 13.15
N LEU B 178 13.43 31.29 12.77
CA LEU B 178 14.27 32.45 13.07
C LEU B 178 13.72 33.66 12.32
N PRO B 179 13.76 34.84 12.94
CA PRO B 179 13.31 36.04 12.22
C PRO B 179 13.99 36.15 10.84
N ALA B 180 13.24 36.60 9.85
CA ALA B 180 13.68 36.60 8.45
C ALA B 180 13.74 38.02 7.90
N ASN B 181 14.73 38.27 7.05
CA ASN B 181 15.04 39.65 6.67
C ASN B 181 14.62 40.08 5.27
N ILE B 182 14.24 39.15 4.40
CA ILE B 182 13.71 39.56 3.10
C ILE B 182 12.18 39.64 3.17
N LEU B 183 11.55 38.57 3.63
CA LEU B 183 10.10 38.50 3.82
C LEU B 183 9.84 37.78 5.12
N ASP B 184 8.88 38.27 5.89
CA ASP B 184 8.59 37.70 7.20
C ASP B 184 7.09 37.74 7.44
N TRP B 185 6.49 36.58 7.66
CA TRP B 185 5.05 36.43 7.85
C TRP B 185 4.50 37.27 9.03
N GLN B 186 5.36 37.54 10.01
N GLN B 186 5.35 37.53 10.02
CA GLN B 186 4.94 38.28 11.19
CA GLN B 186 4.95 38.31 11.20
C GLN B 186 5.10 39.80 11.03
C GLN B 186 4.98 39.81 10.96
N ALA B 187 5.58 40.23 9.86
CA ALA B 187 5.69 41.65 9.53
C ALA B 187 5.71 41.79 8.00
N LEU B 188 4.61 41.41 7.37
CA LEU B 188 4.56 41.24 5.94
C LEU B 188 3.89 42.45 5.28
N ASN B 189 4.56 42.99 4.25
CA ASN B 189 4.02 44.05 3.42
C ASN B 189 3.48 43.43 2.15
N TYR B 190 2.16 43.37 2.03
CA TYR B 190 1.54 42.68 0.94
C TYR B 190 0.40 43.52 0.36
N GLU B 191 -0.02 43.17 -0.84
CA GLU B 191 -1.17 43.77 -1.49
C GLU B 191 -1.98 42.67 -2.14
N ILE B 192 -3.23 42.52 -1.72
CA ILE B 192 -4.15 41.59 -2.37
C ILE B 192 -4.74 42.22 -3.63
N ARG B 193 -4.74 41.44 -4.71
CA ARG B 193 -5.37 41.84 -5.98
C ARG B 193 -6.38 40.75 -6.35
N GLY B 194 -7.63 41.14 -6.59
CA GLY B 194 -8.62 40.16 -6.94
C GLY B 194 -9.10 39.38 -5.74
N TYR B 195 -9.50 38.15 -6.03
CA TYR B 195 -10.15 37.30 -5.04
C TYR B 195 -9.14 36.47 -4.26
N VAL B 196 -8.66 37.04 -3.15
CA VAL B 196 -7.80 36.35 -2.20
C VAL B 196 -8.34 36.72 -0.82
N ILE B 197 -8.52 35.72 0.02
CA ILE B 197 -9.13 35.90 1.34
C ILE B 197 -8.16 35.44 2.41
N ILE B 198 -8.05 36.23 3.48
CA ILE B 198 -7.23 35.83 4.63
C ILE B 198 -8.12 35.08 5.62
N LYS B 199 -7.68 33.89 6.04
CA LYS B 199 -8.41 33.04 6.97
C LYS B 199 -7.45 32.44 7.98
N PRO B 200 -7.96 31.94 9.12
CA PRO B 200 -7.09 31.19 10.02
C PRO B 200 -6.51 29.95 9.35
N LEU B 201 -5.29 29.59 9.74
CA LEU B 201 -4.65 28.37 9.32
C LEU B 201 -5.22 27.24 10.16
N VAL B 202 -5.95 26.30 9.55
CA VAL B 202 -6.62 25.26 10.34
C VAL B 202 -6.03 23.87 10.10
N TRP B 203 -5.07 23.79 9.19
CA TRP B 203 -4.53 22.51 8.76
C TRP B 203 -3.11 22.21 9.23
N VAL B 204 -2.53 23.10 10.02
CA VAL B 204 -1.29 22.80 10.74
C VAL B 204 -1.51 23.02 12.24
N HIS C 1 -41.71 16.40 16.20
CA HIS C 1 -40.26 16.17 15.91
C HIS C 1 -39.78 14.99 16.72
N THR C 2 -38.73 14.36 16.23
CA THR C 2 -38.29 13.06 16.70
C THR C 2 -36.81 13.13 17.04
N ASP C 3 -36.43 12.46 18.11
CA ASP C 3 -35.02 12.32 18.47
C ASP C 3 -34.46 11.05 17.83
N LEU C 4 -33.62 11.23 16.83
CA LEU C 4 -33.02 10.12 16.11
C LEU C 4 -31.63 9.76 16.61
N SER C 5 -31.28 10.23 17.81
CA SER C 5 -30.02 9.83 18.44
C SER C 5 -29.84 8.32 18.35
N GLY C 6 -28.66 7.89 17.88
CA GLY C 6 -28.36 6.49 17.83
C GLY C 6 -29.02 5.75 16.68
N LYS C 7 -29.64 6.49 15.76
CA LYS C 7 -30.35 5.90 14.63
C LYS C 7 -29.93 6.50 13.30
N VAL C 8 -30.19 5.75 12.23
CA VAL C 8 -29.93 6.21 10.86
C VAL C 8 -31.15 6.05 10.00
N PHE C 9 -31.23 6.83 8.92
CA PHE C 9 -32.08 6.47 7.79
C PHE C 9 -31.35 5.50 6.89
N VAL C 10 -32.01 4.39 6.55
CA VAL C 10 -31.49 3.42 5.57
C VAL C 10 -32.28 3.54 4.27
N PHE C 11 -31.58 3.88 3.20
CA PHE C 11 -32.11 3.93 1.85
C PHE C 11 -31.65 2.61 1.23
N PRO C 12 -32.48 1.55 1.31
CA PRO C 12 -31.93 0.20 1.09
C PRO C 12 -31.79 -0.25 -0.36
N ARG C 13 -32.22 0.55 -1.32
CA ARG C 13 -32.15 0.16 -2.72
C ARG C 13 -32.09 1.38 -3.60
N GLU C 14 -31.63 1.18 -4.83
CA GLU C 14 -31.69 2.19 -5.85
C GLU C 14 -33.12 2.39 -6.33
N SER C 15 -33.52 3.63 -6.50
CA SER C 15 -34.89 3.93 -6.87
C SER C 15 -34.98 5.38 -7.33
N VAL C 16 -36.13 5.73 -7.86
CA VAL C 16 -36.43 7.13 -8.13
C VAL C 16 -37.53 7.63 -7.17
N THR C 17 -37.92 6.78 -6.24
CA THR C 17 -39.04 7.03 -5.33
C THR C 17 -38.67 7.26 -3.85
N ASP C 18 -37.61 6.63 -3.39
CA ASP C 18 -37.35 6.59 -1.95
C ASP C 18 -36.62 7.85 -1.49
N HIS C 19 -37.20 8.58 -0.54
CA HIS C 19 -36.57 9.82 -0.07
C HIS C 19 -37.12 10.25 1.28
N VAL C 20 -36.40 11.15 1.93
CA VAL C 20 -36.87 11.79 3.14
C VAL C 20 -36.91 13.29 2.92
N ASN C 21 -38.03 13.92 3.26
CA ASN C 21 -38.12 15.36 3.27
C ASN C 21 -37.79 15.86 4.66
N LEU C 22 -36.89 16.84 4.75
CA LEU C 22 -36.56 17.47 6.03
C LEU C 22 -37.22 18.82 6.10
N ILE C 23 -37.89 19.09 7.21
CA ILE C 23 -38.68 20.29 7.36
C ILE C 23 -38.04 21.25 8.37
N THR C 24 -37.78 22.47 7.92
CA THR C 24 -37.25 23.50 8.79
C THR C 24 -38.03 24.76 8.47
N PRO C 25 -38.36 25.55 9.50
CA PRO C 25 -39.05 26.83 9.39
C PRO C 25 -38.13 27.96 8.95
N LEU C 26 -37.42 27.77 7.84
CA LEU C 26 -36.43 28.75 7.40
C LEU C 26 -37.03 29.77 6.43
N GLU C 27 -37.30 30.97 6.92
CA GLU C 27 -37.95 31.99 6.10
C GLU C 27 -37.04 33.14 5.71
N LYS C 28 -35.84 33.19 6.28
CA LYS C 28 -34.88 34.24 5.92
C LYS C 28 -33.75 33.63 5.11
N PRO C 29 -33.34 34.32 4.04
CA PRO C 29 -32.22 33.82 3.24
C PRO C 29 -30.97 33.61 4.10
N LEU C 30 -30.20 32.59 3.74
CA LEU C 30 -29.03 32.18 4.50
C LEU C 30 -27.77 32.86 4.00
N GLN C 31 -27.07 33.53 4.90
CA GLN C 31 -25.80 34.13 4.59
C GLN C 31 -24.64 33.21 4.96
N ASN C 32 -24.82 32.46 6.04
CA ASN C 32 -23.79 31.58 6.59
C ASN C 32 -24.43 30.25 6.97
N PHE C 33 -23.74 29.14 6.77
CA PHE C 33 -24.26 27.88 7.33
C PHE C 33 -23.14 26.88 7.49
N THR C 34 -23.41 25.88 8.35
CA THR C 34 -22.61 24.67 8.43
C THR C 34 -23.57 23.50 8.44
N LEU C 35 -23.24 22.44 7.72
CA LEU C 35 -24.05 21.22 7.65
C LEU C 35 -23.09 20.07 7.94
N CYS C 36 -23.43 19.22 8.90
N CYS C 36 -23.44 19.20 8.86
CA CYS C 36 -22.66 18.03 9.21
CA CYS C 36 -22.66 17.98 8.99
C CYS C 36 -23.58 16.79 9.16
C CYS C 36 -23.54 16.77 9.22
N PHE C 37 -23.02 15.64 8.80
CA PHE C 37 -23.75 14.38 8.87
C PHE C 37 -22.77 13.23 8.65
N ARG C 38 -23.23 12.04 8.97
CA ARG C 38 -22.47 10.82 8.71
C ARG C 38 -23.18 10.04 7.61
N ALA C 39 -22.42 9.40 6.74
CA ALA C 39 -22.96 8.60 5.65
C ALA C 39 -22.14 7.35 5.44
N TYR C 40 -22.82 6.31 4.99
CA TYR C 40 -22.17 5.03 4.69
C TYR C 40 -22.84 4.45 3.47
N SER C 41 -22.09 4.39 2.38
CA SER C 41 -22.58 3.92 1.09
C SER C 41 -21.49 3.16 0.39
N ASP C 42 -21.87 2.13 -0.36
CA ASP C 42 -20.90 1.45 -1.22
C ASP C 42 -21.18 1.66 -2.70
N LEU C 43 -21.90 2.73 -3.02
CA LEU C 43 -21.99 3.17 -4.42
C LEU C 43 -20.67 3.70 -4.94
N SER C 44 -20.37 3.41 -6.20
CA SER C 44 -19.22 4.01 -6.88
C SER C 44 -19.62 5.12 -7.84
N ARG C 45 -20.84 5.06 -8.34
CA ARG C 45 -21.36 6.11 -9.20
C ARG C 45 -21.61 7.37 -8.37
N ALA C 46 -21.91 8.46 -9.06
CA ALA C 46 -22.22 9.73 -8.43
C ALA C 46 -23.53 9.64 -7.65
N TYR C 47 -23.63 10.42 -6.58
CA TYR C 47 -24.88 10.52 -5.84
C TYR C 47 -24.99 11.81 -5.04
N SER C 48 -26.23 12.22 -4.79
CA SER C 48 -26.54 13.36 -3.97
C SER C 48 -26.58 12.98 -2.50
N LEU C 49 -25.97 13.81 -1.67
CA LEU C 49 -26.01 13.63 -0.23
C LEU C 49 -27.05 14.52 0.44
N PHE C 50 -27.23 15.75 -0.03
CA PHE C 50 -28.14 16.70 0.59
C PHE C 50 -28.57 17.66 -0.50
N SER C 51 -29.87 17.71 -0.78
CA SER C 51 -30.43 18.48 -1.88
C SER C 51 -31.41 19.52 -1.35
N TYR C 52 -31.11 20.78 -1.61
CA TYR C 52 -31.90 21.93 -1.12
C TYR C 52 -32.21 22.79 -2.33
N ASN C 53 -33.51 22.84 -2.68
CA ASN C 53 -34.02 23.58 -3.82
C ASN C 53 -35.04 24.56 -3.32
N THR C 54 -35.23 25.65 -4.05
CA THR C 54 -36.27 26.62 -3.71
C THR C 54 -37.11 26.85 -4.95
N GLN C 55 -38.20 27.59 -4.81
CA GLN C 55 -39.11 27.73 -5.94
C GLN C 55 -38.40 28.42 -7.09
N GLY C 56 -38.36 27.74 -8.23
CA GLY C 56 -37.74 28.24 -9.42
C GLY C 56 -36.23 28.11 -9.47
N ARG C 57 -35.63 27.53 -8.43
CA ARG C 57 -34.17 27.43 -8.32
C ARG C 57 -33.71 26.04 -7.96
N ASP C 58 -33.14 25.37 -8.95
CA ASP C 58 -32.53 24.07 -8.80
C ASP C 58 -31.08 24.23 -8.36
N ASN C 59 -30.61 23.29 -7.55
CA ASN C 59 -29.23 23.24 -7.02
C ASN C 59 -28.90 24.52 -6.26
N GLU C 60 -29.84 24.94 -5.42
CA GLU C 60 -29.64 26.14 -4.63
C GLU C 60 -28.59 25.91 -3.55
N LEU C 61 -28.67 24.75 -2.89
CA LEU C 61 -27.63 24.29 -1.98
C LEU C 61 -27.58 22.77 -2.12
N LEU C 62 -26.48 22.23 -2.63
CA LEU C 62 -26.41 20.80 -2.92
C LEU C 62 -25.04 20.28 -2.54
N VAL C 63 -25.03 19.20 -1.79
CA VAL C 63 -23.80 18.48 -1.46
C VAL C 63 -23.84 17.19 -2.26
N TYR C 64 -22.84 16.98 -3.12
CA TYR C 64 -22.86 15.97 -4.14
C TYR C 64 -21.54 15.22 -4.16
N LYS C 65 -21.59 13.92 -4.34
CA LYS C 65 -20.39 13.08 -4.40
C LYS C 65 -20.27 12.56 -5.83
N GLU C 66 -19.42 13.18 -6.63
CA GLU C 66 -19.26 12.77 -8.04
C GLU C 66 -18.54 11.44 -8.20
N ARG C 67 -17.57 11.19 -7.32
CA ARG C 67 -16.78 9.97 -7.34
C ARG C 67 -16.00 9.85 -6.04
N VAL C 68 -15.38 8.70 -5.81
CA VAL C 68 -14.62 8.48 -4.59
C VAL C 68 -13.56 9.58 -4.47
N GLY C 69 -13.42 10.10 -3.27
CA GLY C 69 -12.39 11.08 -2.97
C GLY C 69 -12.71 12.51 -3.33
N GLU C 70 -13.92 12.79 -3.79
CA GLU C 70 -14.25 14.13 -4.31
C GLU C 70 -15.62 14.58 -3.85
N TYR C 71 -15.64 15.70 -3.14
CA TYR C 71 -16.86 16.25 -2.57
C TYR C 71 -17.16 17.60 -3.21
N SER C 72 -18.41 17.80 -3.63
CA SER C 72 -18.83 19.06 -4.25
C SER C 72 -19.90 19.77 -3.45
N LEU C 73 -19.80 21.09 -3.41
CA LEU C 73 -20.84 21.95 -2.89
C LEU C 73 -21.31 22.85 -4.02
N TYR C 74 -22.61 22.90 -4.22
CA TYR C 74 -23.23 23.86 -5.13
C TYR C 74 -23.95 24.92 -4.31
N ILE C 75 -23.77 26.16 -4.72
CA ILE C 75 -24.48 27.29 -4.14
C ILE C 75 -25.06 28.06 -5.31
N GLY C 76 -26.39 28.09 -5.42
CA GLY C 76 -27.04 28.82 -6.52
C GLY C 76 -26.53 28.40 -7.89
N ARG C 77 -26.39 27.08 -8.07
CA ARG C 77 -25.91 26.41 -9.29
C ARG C 77 -24.41 26.36 -9.53
N HIS C 78 -23.66 27.25 -8.90
CA HIS C 78 -22.22 27.25 -9.03
C HIS C 78 -21.63 26.22 -8.10
N LYS C 79 -20.50 25.66 -8.46
CA LYS C 79 -19.94 24.61 -7.63
C LYS C 79 -18.47 24.78 -7.32
N VAL C 80 -18.10 24.17 -6.21
CA VAL C 80 -16.69 23.92 -5.89
C VAL C 80 -16.54 22.46 -5.53
N THR C 81 -15.35 21.92 -5.76
CA THR C 81 -15.04 20.52 -5.47
C THR C 81 -13.70 20.46 -4.76
N SER C 82 -13.62 19.67 -3.69
CA SER C 82 -12.34 19.40 -3.05
C SER C 82 -12.11 17.92 -2.87
N LYS C 83 -10.84 17.55 -2.85
CA LYS C 83 -10.41 16.16 -2.85
C LYS C 83 -9.88 15.71 -1.50
N VAL C 84 -9.95 14.41 -1.24
CA VAL C 84 -9.47 13.84 0.00
C VAL C 84 -9.05 12.40 -0.24
N ILE C 85 -8.08 11.93 0.53
CA ILE C 85 -7.73 10.53 0.55
C ILE C 85 -8.72 9.80 1.46
N GLU C 86 -9.42 8.81 0.92
CA GLU C 86 -10.38 8.04 1.73
C GLU C 86 -10.39 6.60 1.28
N LYS C 87 -10.74 5.71 2.18
CA LYS C 87 -10.92 4.31 1.85
C LYS C 87 -12.29 4.10 1.25
N PHE C 88 -12.46 3.02 0.51
CA PHE C 88 -13.74 2.70 -0.12
C PHE C 88 -14.00 1.21 -0.07
N PRO C 89 -15.16 0.78 0.44
CA PRO C 89 -16.18 1.59 1.12
C PRO C 89 -15.77 1.91 2.53
N ALA C 90 -16.29 2.99 3.08
CA ALA C 90 -16.03 3.37 4.45
C ALA C 90 -17.06 4.36 4.92
N PRO C 91 -17.47 4.25 6.17
CA PRO C 91 -18.27 5.32 6.77
C PRO C 91 -17.50 6.63 6.73
N VAL C 92 -18.24 7.73 6.66
CA VAL C 92 -17.61 9.04 6.63
C VAL C 92 -18.43 10.02 7.44
N HIS C 93 -17.74 10.96 8.07
CA HIS C 93 -18.37 12.13 8.65
C HIS C 93 -18.00 13.33 7.78
N ILE C 94 -19.00 14.07 7.36
CA ILE C 94 -18.83 15.18 6.43
C ILE C 94 -19.38 16.42 7.08
N CYS C 95 -18.57 17.48 7.15
N CYS C 95 -18.62 17.50 6.99
CA CYS C 95 -19.08 18.81 7.46
CA CYS C 95 -19.06 18.79 7.44
C CYS C 95 -18.75 19.69 6.27
C CYS C 95 -18.68 19.80 6.38
N VAL C 96 -19.63 20.64 5.98
CA VAL C 96 -19.36 21.69 5.02
C VAL C 96 -19.94 22.99 5.52
N SER C 97 -19.16 24.05 5.43
CA SER C 97 -19.66 25.38 5.75
C SER C 97 -19.46 26.31 4.58
N TRP C 98 -20.24 27.38 4.55
CA TRP C 98 -20.10 28.44 3.57
C TRP C 98 -20.46 29.76 4.20
N GLU C 99 -19.76 30.79 3.78
CA GLU C 99 -19.89 32.14 4.31
C GLU C 99 -20.04 33.09 3.14
N SER C 100 -21.16 33.78 3.02
CA SER C 100 -21.38 34.70 1.90
C SER C 100 -20.33 35.80 1.81
N SER C 101 -19.96 36.38 2.95
CA SER C 101 -19.12 37.56 2.91
C SER C 101 -17.79 37.31 2.19
N SER C 102 -17.22 36.12 2.36
CA SER C 102 -15.96 35.76 1.71
C SER C 102 -16.15 34.79 0.53
N GLY C 103 -17.30 34.14 0.47
CA GLY C 103 -17.55 33.08 -0.47
C GLY C 103 -16.88 31.76 -0.10
N ILE C 104 -16.22 31.69 1.03
CA ILE C 104 -15.40 30.53 1.34
C ILE C 104 -16.24 29.33 1.78
N ALA C 105 -15.96 28.20 1.14
CA ALA C 105 -16.57 26.90 1.45
C ALA C 105 -15.51 26.03 2.07
N GLU C 106 -15.81 25.42 3.23
CA GLU C 106 -14.88 24.54 3.95
C GLU C 106 -15.48 23.17 4.08
N PHE C 107 -14.89 22.16 3.46
CA PHE C 107 -15.23 20.77 3.76
C PHE C 107 -14.29 20.20 4.83
N TRP C 108 -14.86 19.43 5.73
CA TRP C 108 -14.12 18.64 6.71
C TRP C 108 -14.60 17.22 6.60
N ILE C 109 -13.66 16.31 6.38
CA ILE C 109 -13.97 14.89 6.21
C ILE C 109 -13.30 14.11 7.34
N ASN C 110 -14.08 13.40 8.13
CA ASN C 110 -13.58 12.73 9.32
C ASN C 110 -12.69 13.63 10.18
N GLY C 111 -13.14 14.86 10.37
CA GLY C 111 -12.46 15.79 11.25
C GLY C 111 -11.19 16.43 10.66
N THR C 112 -10.95 16.18 9.37
N THR C 112 -10.91 16.17 9.39
CA THR C 112 -9.77 16.68 8.65
CA THR C 112 -9.74 16.78 8.78
C THR C 112 -10.21 17.75 7.65
C THR C 112 -10.15 17.72 7.67
N PRO C 113 -9.55 18.91 7.64
CA PRO C 113 -9.98 19.94 6.69
C PRO C 113 -9.48 19.69 5.28
N LEU C 114 -10.35 19.84 4.30
CA LEU C 114 -9.97 19.86 2.91
C LEU C 114 -9.49 21.27 2.54
N VAL C 115 -8.95 21.40 1.34
CA VAL C 115 -8.56 22.71 0.83
C VAL C 115 -9.78 23.60 0.71
N LYS C 116 -9.70 24.82 1.25
CA LYS C 116 -10.79 25.78 1.10
C LYS C 116 -10.95 26.20 -0.35
N LYS C 117 -12.20 26.42 -0.78
CA LYS C 117 -12.53 26.94 -2.12
C LYS C 117 -13.49 28.08 -1.91
N GLY C 118 -13.81 28.80 -2.97
CA GLY C 118 -14.70 29.94 -2.83
C GLY C 118 -15.63 30.08 -4.01
N LEU C 119 -16.86 30.49 -3.72
CA LEU C 119 -17.88 30.72 -4.74
C LEU C 119 -18.96 31.62 -4.20
N ARG C 120 -19.61 32.34 -5.10
CA ARG C 120 -20.83 33.10 -4.80
C ARG C 120 -20.64 34.10 -3.66
N GLN C 121 -19.49 34.77 -3.63
CA GLN C 121 -19.29 35.81 -2.63
C GLN C 121 -20.37 36.86 -2.78
N GLY C 122 -21.04 37.18 -1.68
CA GLY C 122 -22.08 38.19 -1.63
C GLY C 122 -23.49 37.67 -1.87
N TYR C 123 -23.61 36.42 -2.28
CA TYR C 123 -24.89 35.79 -2.57
C TYR C 123 -25.60 35.41 -1.27
N PHE C 124 -26.92 35.37 -1.30
CA PHE C 124 -27.69 34.80 -0.21
C PHE C 124 -28.43 33.57 -0.71
N VAL C 125 -28.28 32.45 -0.01
CA VAL C 125 -29.03 31.24 -0.35
C VAL C 125 -30.51 31.48 -0.07
N GLU C 126 -31.35 31.20 -1.05
CA GLU C 126 -32.75 31.56 -0.93
C GLU C 126 -33.47 30.72 0.14
N ALA C 127 -34.51 31.34 0.71
CA ALA C 127 -35.29 30.76 1.78
C ALA C 127 -36.44 29.90 1.26
N GLN C 128 -37.20 29.36 2.21
CA GLN C 128 -38.36 28.48 1.93
C GLN C 128 -37.98 27.28 1.07
N PRO C 129 -37.01 26.49 1.55
CA PRO C 129 -36.53 25.37 0.73
C PRO C 129 -37.39 24.13 0.85
N LYS C 130 -37.22 23.24 -0.12
CA LYS C 130 -37.52 21.84 0.07
C LYS C 130 -36.17 21.13 0.17
N ILE C 131 -36.02 20.36 1.24
CA ILE C 131 -34.79 19.67 1.54
C ILE C 131 -35.03 18.18 1.49
N VAL C 132 -34.22 17.49 0.69
CA VAL C 132 -34.41 16.07 0.47
C VAL C 132 -33.13 15.28 0.70
N LEU C 133 -33.27 14.15 1.40
CA LEU C 133 -32.24 13.11 1.47
C LEU C 133 -32.69 11.94 0.61
N GLY C 134 -31.74 11.28 -0.04
CA GLY C 134 -32.01 10.06 -0.77
C GLY C 134 -32.14 10.24 -2.27
N GLN C 135 -32.49 11.45 -2.69
CA GLN C 135 -32.65 11.80 -4.09
C GLN C 135 -32.13 13.20 -4.33
N GLU C 136 -31.80 13.47 -5.59
CA GLU C 136 -31.36 14.78 -6.03
C GLU C 136 -32.57 15.43 -6.69
N GLN C 137 -32.98 16.60 -6.20
CA GLN C 137 -34.13 17.29 -6.82
C GLN C 137 -33.75 18.04 -8.05
N ASP C 138 -34.64 18.04 -9.07
CA ASP C 138 -34.52 18.98 -10.20
C ASP C 138 -35.70 19.96 -10.26
N SER C 139 -36.64 19.82 -9.34
CA SER C 139 -37.72 20.78 -9.19
C SER C 139 -37.90 21.13 -7.71
N TYR C 140 -38.98 21.86 -7.41
CA TYR C 140 -39.22 22.24 -6.03
C TYR C 140 -39.92 21.07 -5.35
N GLY C 141 -39.11 20.14 -4.85
CA GLY C 141 -39.57 18.97 -4.14
C GLY C 141 -39.48 17.66 -4.88
N GLY C 142 -39.13 17.68 -6.17
CA GLY C 142 -39.20 16.46 -6.96
C GLY C 142 -38.29 16.41 -8.18
N LYS C 143 -38.77 15.74 -9.23
CA LYS C 143 -38.01 15.47 -10.47
C LYS C 143 -36.67 14.80 -10.14
N PHE C 144 -36.78 13.62 -9.54
CA PHE C 144 -35.66 12.81 -9.11
C PHE C 144 -35.05 12.03 -10.26
N ASP C 145 -33.86 11.49 -10.05
CA ASP C 145 -33.10 10.79 -11.09
C ASP C 145 -32.44 9.57 -10.43
N ARG C 146 -32.86 8.38 -10.83
CA ARG C 146 -32.36 7.14 -10.24
C ARG C 146 -30.83 7.08 -10.21
N SER C 147 -30.17 7.64 -11.22
CA SER C 147 -28.72 7.57 -11.35
C SER C 147 -27.98 8.52 -10.40
N GLN C 148 -28.74 9.35 -9.67
CA GLN C 148 -28.18 10.25 -8.65
C GLN C 148 -28.68 9.92 -7.25
N SER C 149 -29.46 8.85 -7.13
CA SER C 149 -30.06 8.49 -5.85
C SER C 149 -29.01 7.99 -4.87
N PHE C 150 -29.25 8.21 -3.59
CA PHE C 150 -28.36 7.72 -2.54
C PHE C 150 -28.85 6.40 -2.00
N VAL C 151 -27.97 5.40 -2.00
CA VAL C 151 -28.24 4.08 -1.44
C VAL C 151 -27.27 3.88 -0.32
N GLY C 152 -27.78 3.60 0.86
CA GLY C 152 -26.93 3.48 2.05
C GLY C 152 -27.59 4.11 3.25
N GLU C 153 -26.77 4.59 4.19
CA GLU C 153 -27.24 5.02 5.49
C GLU C 153 -26.76 6.43 5.77
N ILE C 154 -27.65 7.25 6.32
CA ILE C 154 -27.29 8.60 6.78
C ILE C 154 -27.76 8.81 8.20
N GLY C 155 -26.89 9.39 9.04
CA GLY C 155 -27.28 9.75 10.39
C GLY C 155 -26.59 11.01 10.90
N ASP C 156 -26.92 11.39 12.13
CA ASP C 156 -26.24 12.47 12.85
C ASP C 156 -26.16 13.73 12.02
N LEU C 157 -27.29 14.14 11.48
CA LEU C 157 -27.34 15.33 10.63
C LEU C 157 -27.76 16.56 11.41
N TYR C 158 -26.96 17.61 11.29
CA TYR C 158 -27.16 18.88 11.98
C TYR C 158 -26.84 20.01 11.02
N MET C 159 -27.57 21.11 11.13
CA MET C 159 -27.32 22.28 10.33
C MET C 159 -27.47 23.52 11.19
N TRP C 160 -26.49 24.39 11.09
CA TRP C 160 -26.38 25.63 11.84
C TRP C 160 -26.42 26.82 10.88
N ASP C 161 -26.94 27.95 11.35
CA ASP C 161 -26.93 29.18 10.55
C ASP C 161 -25.67 30.02 10.77
N SER C 162 -24.55 29.36 11.08
CA SER C 162 -23.27 30.04 11.26
C SER C 162 -22.17 29.11 10.76
N VAL C 163 -20.98 29.66 10.62
CA VAL C 163 -19.79 28.86 10.26
C VAL C 163 -19.13 28.34 11.53
N LEU C 164 -19.13 27.02 11.70
CA LEU C 164 -18.54 26.46 12.91
C LEU C 164 -17.02 26.60 12.86
N PRO C 165 -16.42 26.93 14.00
CA PRO C 165 -14.96 26.88 14.14
C PRO C 165 -14.46 25.44 14.23
N PRO C 166 -13.18 25.20 13.97
CA PRO C 166 -12.65 23.85 13.96
C PRO C 166 -12.99 23.01 15.17
N GLU C 167 -12.87 23.55 16.38
CA GLU C 167 -13.10 22.71 17.56
C GLU C 167 -14.57 22.30 17.69
N ASN C 168 -15.48 23.05 17.09
CA ASN C 168 -16.89 22.65 17.11
C ASN C 168 -17.21 21.62 16.05
N ILE C 169 -16.50 21.66 14.93
CA ILE C 169 -16.57 20.61 13.93
C ILE C 169 -16.08 19.31 14.55
N LEU C 170 -14.96 19.38 15.25
CA LEU C 170 -14.44 18.19 15.90
C LEU C 170 -15.41 17.64 16.93
N SER C 171 -16.07 18.51 17.70
CA SER C 171 -17.03 18.03 18.67
C SER C 171 -18.14 17.25 17.95
N ALA C 172 -18.63 17.77 16.82
CA ALA C 172 -19.63 17.03 16.04
C ALA C 172 -19.08 15.67 15.53
N TYR C 173 -17.86 15.67 15.00
CA TYR C 173 -17.25 14.42 14.51
C TYR C 173 -17.17 13.36 15.63
N GLN C 174 -16.89 13.82 16.84
CA GLN C 174 -16.79 12.95 18.01
C GLN C 174 -18.13 12.52 18.61
N GLY C 175 -19.22 13.04 18.06
CA GLY C 175 -20.54 12.63 18.50
C GLY C 175 -21.18 13.53 19.54
N THR C 176 -20.60 14.71 19.74
CA THR C 176 -21.12 15.71 20.66
C THR C 176 -21.28 17.08 19.99
N PRO C 177 -22.18 17.18 19.01
CA PRO C 177 -22.37 18.45 18.30
C PRO C 177 -22.91 19.54 19.22
N LEU C 178 -22.49 20.77 18.97
CA LEU C 178 -23.05 21.92 19.67
C LEU C 178 -24.47 22.20 19.15
N PRO C 179 -25.28 22.91 19.95
CA PRO C 179 -26.67 23.13 19.58
C PRO C 179 -26.84 23.69 18.17
N ALA C 180 -27.74 23.09 17.40
CA ALA C 180 -27.95 23.41 15.99
C ALA C 180 -29.34 23.95 15.79
N ASN C 181 -29.46 25.02 15.01
CA ASN C 181 -30.70 25.79 14.94
C ASN C 181 -31.45 25.76 13.61
N ILE C 182 -30.92 25.08 12.59
CA ILE C 182 -31.67 24.88 11.35
C ILE C 182 -32.21 23.44 11.26
N LEU C 183 -31.33 22.46 11.39
CA LEU C 183 -31.73 21.06 11.46
C LEU C 183 -31.01 20.41 12.63
N ASP C 184 -31.70 19.53 13.33
CA ASP C 184 -31.17 18.92 14.54
C ASP C 184 -31.63 17.47 14.60
N TRP C 185 -30.69 16.52 14.49
CA TRP C 185 -30.99 15.09 14.54
C TRP C 185 -31.73 14.67 15.79
N GLN C 186 -31.54 15.43 16.88
CA GLN C 186 -32.19 15.11 18.17
C GLN C 186 -33.59 15.69 18.30
N ALA C 187 -34.02 16.47 17.31
CA ALA C 187 -35.39 17.01 17.26
C ALA C 187 -35.72 17.32 15.81
N LEU C 188 -35.87 16.25 15.03
CA LEU C 188 -35.95 16.36 13.58
C LEU C 188 -37.38 16.20 13.11
N ASN C 189 -37.80 17.10 12.23
CA ASN C 189 -39.10 17.07 11.62
C ASN C 189 -38.90 16.57 10.18
N TYR C 190 -39.40 15.37 9.90
CA TYR C 190 -39.12 14.72 8.63
C TYR C 190 -40.35 13.97 8.15
N GLU C 191 -40.34 13.65 6.86
CA GLU C 191 -41.34 12.79 6.24
C GLU C 191 -40.63 11.72 5.42
N ILE C 192 -40.88 10.45 5.72
CA ILE C 192 -40.42 9.36 4.87
C ILE C 192 -41.38 9.10 3.72
N ARG C 193 -40.82 8.97 2.53
CA ARG C 193 -41.58 8.62 1.34
C ARG C 193 -40.93 7.41 0.69
N GLY C 194 -41.72 6.42 0.33
CA GLY C 194 -41.18 5.23 -0.26
C GLY C 194 -40.45 4.36 0.74
N TYR C 195 -39.45 3.65 0.27
CA TYR C 195 -38.76 2.64 1.07
C TYR C 195 -37.54 3.25 1.75
N VAL C 196 -37.77 3.71 2.97
CA VAL C 196 -36.73 4.21 3.85
C VAL C 196 -37.03 3.66 5.23
N ILE C 197 -36.02 3.08 5.87
CA ILE C 197 -36.19 2.40 7.13
C ILE C 197 -35.28 3.03 8.17
N ILE C 198 -35.80 3.28 9.37
CA ILE C 198 -35.00 3.76 10.48
C ILE C 198 -34.44 2.58 11.27
N LYS C 199 -33.12 2.55 11.43
CA LYS C 199 -32.44 1.49 12.17
C LYS C 199 -31.41 2.07 13.13
N PRO C 200 -30.99 1.28 14.11
CA PRO C 200 -29.85 1.73 14.92
C PRO C 200 -28.61 1.97 14.09
N LEU C 201 -27.82 2.94 14.52
CA LEU C 201 -26.50 3.21 13.97
C LEU C 201 -25.52 2.22 14.56
N VAL C 202 -24.94 1.36 13.73
CA VAL C 202 -24.09 0.29 14.25
C VAL C 202 -22.65 0.43 13.80
N TRP C 203 -22.39 1.45 12.97
CA TRP C 203 -21.08 1.60 12.33
C TRP C 203 -20.28 2.79 12.86
N VAL C 204 -20.79 3.49 13.85
CA VAL C 204 -19.98 4.47 14.57
C VAL C 204 -20.00 4.14 16.05
N HIS D 1 -26.63 -36.18 16.46
CA HIS D 1 -25.98 -34.89 16.16
C HIS D 1 -24.57 -34.91 16.70
N THR D 2 -23.73 -34.04 16.16
CA THR D 2 -22.29 -34.08 16.45
C THR D 2 -21.81 -32.70 16.86
N ASP D 3 -20.95 -32.67 17.86
CA ASP D 3 -20.31 -31.43 18.30
C ASP D 3 -19.04 -31.21 17.51
N LEU D 4 -19.06 -30.24 16.60
CA LEU D 4 -17.92 -29.96 15.73
C LEU D 4 -17.05 -28.82 16.26
N SER D 5 -17.17 -28.51 17.54
CA SER D 5 -16.31 -27.50 18.14
C SER D 5 -14.87 -27.77 17.84
N GLY D 6 -14.18 -26.74 17.35
CA GLY D 6 -12.77 -26.82 17.06
C GLY D 6 -12.42 -27.48 15.73
N LYS D 7 -13.44 -27.77 14.92
CA LYS D 7 -13.28 -28.49 13.67
C LYS D 7 -13.91 -27.73 12.52
N VAL D 8 -13.48 -28.08 11.31
CA VAL D 8 -13.99 -27.51 10.07
C VAL D 8 -14.34 -28.64 9.11
N PHE D 9 -15.25 -28.35 8.18
CA PHE D 9 -15.37 -29.13 6.96
C PHE D 9 -14.36 -28.65 5.94
N VAL D 10 -13.57 -29.57 5.36
CA VAL D 10 -12.65 -29.26 4.29
C VAL D 10 -13.22 -29.82 3.00
N PHE D 11 -13.46 -28.92 2.05
CA PHE D 11 -13.85 -29.26 0.68
C PHE D 11 -12.57 -29.16 -0.15
N PRO D 12 -11.85 -30.30 -0.34
CA PRO D 12 -10.45 -30.15 -0.71
C PRO D 12 -10.19 -29.98 -2.19
N ARG D 13 -11.22 -30.02 -3.03
CA ARG D 13 -11.05 -29.93 -4.47
C ARG D 13 -12.31 -29.38 -5.11
N GLU D 14 -12.15 -28.90 -6.33
CA GLU D 14 -13.28 -28.51 -7.14
C GLU D 14 -13.98 -29.76 -7.67
N SER D 15 -15.31 -29.73 -7.64
CA SER D 15 -16.10 -30.86 -8.09
C SER D 15 -17.52 -30.42 -8.27
N VAL D 16 -18.33 -31.30 -8.85
CA VAL D 16 -19.77 -31.12 -8.84
C VAL D 16 -20.44 -32.14 -7.88
N THR D 17 -19.62 -32.91 -7.17
CA THR D 17 -20.08 -34.01 -6.31
C THR D 17 -19.98 -33.76 -4.80
N ASP D 18 -18.97 -33.01 -4.39
CA ASP D 18 -18.63 -32.96 -2.97
C ASP D 18 -19.52 -31.95 -2.25
N HIS D 19 -20.22 -32.37 -1.21
CA HIS D 19 -21.12 -31.46 -0.49
C HIS D 19 -21.50 -32.01 0.88
N VAL D 20 -22.02 -31.12 1.73
CA VAL D 20 -22.58 -31.52 3.01
C VAL D 20 -24.03 -31.06 3.05
N ASN D 21 -24.92 -31.98 3.42
CA ASN D 21 -26.29 -31.62 3.66
C ASN D 21 -26.47 -31.31 5.15
N LEU D 22 -27.10 -30.19 5.45
CA LEU D 22 -27.39 -29.83 6.83
C LEU D 22 -28.87 -30.03 7.09
N ILE D 23 -29.16 -30.71 8.19
CA ILE D 23 -30.53 -31.08 8.53
C ILE D 23 -31.05 -30.26 9.70
N THR D 24 -32.21 -29.65 9.53
CA THR D 24 -32.84 -28.91 10.62
C THR D 24 -34.34 -29.16 10.52
N PRO D 25 -35.01 -29.38 11.66
CA PRO D 25 -36.46 -29.59 11.72
C PRO D 25 -37.24 -28.30 11.53
N LEU D 26 -37.00 -27.61 10.41
CA LEU D 26 -37.61 -26.32 10.15
C LEU D 26 -38.94 -26.50 9.41
N GLU D 27 -40.05 -26.35 10.12
CA GLU D 27 -41.34 -26.56 9.49
C GLU D 27 -42.18 -25.30 9.35
N LYS D 28 -41.77 -24.22 10.00
CA LYS D 28 -42.49 -22.96 9.90
C LYS D 28 -41.68 -21.98 9.05
N PRO D 29 -42.36 -21.25 8.15
CA PRO D 29 -41.65 -20.27 7.33
C PRO D 29 -40.91 -19.28 8.22
N LEU D 30 -39.79 -18.79 7.70
CA LEU D 30 -38.91 -17.92 8.47
C LEU D 30 -39.18 -16.46 8.18
N GLN D 31 -39.41 -15.69 9.22
CA GLN D 31 -39.61 -14.25 9.12
C GLN D 31 -38.30 -13.49 9.34
N ASN D 32 -37.47 -14.01 10.24
CA ASN D 32 -36.23 -13.37 10.65
C ASN D 32 -35.16 -14.45 10.76
N PHE D 33 -33.91 -14.13 10.43
CA PHE D 33 -32.83 -15.07 10.73
C PHE D 33 -31.51 -14.35 10.80
N THR D 34 -30.56 -15.02 11.45
CA THR D 34 -29.14 -14.66 11.37
C THR D 34 -28.38 -15.94 11.10
N LEU D 35 -27.40 -15.84 10.20
CA LEU D 35 -26.51 -16.94 9.88
C LEU D 35 -25.07 -16.46 10.03
N CYS D 36 -24.25 -17.19 10.79
N CYS D 36 -24.24 -17.21 10.74
CA CYS D 36 -22.84 -16.86 10.96
CA CYS D 36 -22.84 -16.87 10.75
C CYS D 36 -22.00 -18.10 10.63
C CYS D 36 -21.94 -18.08 10.75
N PHE D 37 -20.79 -17.90 10.13
CA PHE D 37 -19.84 -18.97 9.92
C PHE D 37 -18.49 -18.37 9.61
N ARG D 38 -17.49 -19.22 9.66
CA ARG D 38 -16.13 -18.87 9.26
C ARG D 38 -15.75 -19.63 8.00
N ALA D 39 -15.02 -19.00 7.10
CA ALA D 39 -14.61 -19.63 5.86
C ALA D 39 -13.21 -19.22 5.48
N TYR D 40 -12.53 -20.15 4.81
CA TYR D 40 -11.17 -19.90 4.30
C TYR D 40 -11.05 -20.55 2.94
N SER D 41 -10.96 -19.73 1.90
CA SER D 41 -10.86 -20.20 0.53
C SER D 41 -9.91 -19.31 -0.24
N ASP D 42 -9.19 -19.90 -1.19
CA ASP D 42 -8.38 -19.09 -2.11
C ASP D 42 -8.90 -19.10 -3.54
N LEU D 43 -10.19 -19.38 -3.71
CA LEU D 43 -10.83 -19.20 -5.01
C LEU D 43 -10.99 -17.72 -5.33
N SER D 44 -10.73 -17.36 -6.59
CA SER D 44 -11.03 -16.02 -7.11
C SER D 44 -12.35 -15.95 -7.87
N ARG D 45 -12.77 -17.07 -8.43
CA ARG D 45 -14.05 -17.12 -9.10
C ARG D 45 -15.17 -17.06 -8.06
N ALA D 46 -16.39 -16.90 -8.56
CA ALA D 46 -17.56 -16.90 -7.69
C ALA D 46 -17.81 -18.27 -7.09
N TYR D 47 -18.44 -18.26 -5.91
CA TYR D 47 -18.84 -19.50 -5.27
C TYR D 47 -19.96 -19.30 -4.27
N SER D 48 -20.71 -20.37 -4.05
CA SER D 48 -21.73 -20.40 -3.03
C SER D 48 -21.14 -20.74 -1.66
N LEU D 49 -21.56 -19.98 -0.65
CA LEU D 49 -21.22 -20.26 0.74
C LEU D 49 -22.29 -21.06 1.48
N PHE D 50 -23.56 -20.75 1.24
CA PHE D 50 -24.67 -21.42 1.93
C PHE D 50 -25.88 -21.41 1.03
N SER D 51 -26.37 -22.60 0.66
CA SER D 51 -27.44 -22.74 -0.31
C SER D 51 -28.67 -23.40 0.32
N TYR D 52 -29.79 -22.68 0.32
CA TYR D 52 -31.03 -23.14 0.93
C TYR D 52 -32.12 -23.03 -0.13
N ASN D 53 -32.63 -24.18 -0.58
CA ASN D 53 -33.67 -24.27 -1.59
C ASN D 53 -34.86 -24.99 -0.98
N THR D 54 -36.05 -24.68 -1.48
CA THR D 54 -37.26 -25.39 -1.08
C THR D 54 -37.92 -25.97 -2.31
N GLN D 55 -38.96 -26.78 -2.13
CA GLN D 55 -39.59 -27.42 -3.27
C GLN D 55 -40.14 -26.38 -4.24
N GLY D 56 -39.68 -26.41 -5.48
CA GLY D 56 -40.09 -25.47 -6.51
C GLY D 56 -39.48 -24.06 -6.44
N ARG D 57 -38.55 -23.87 -5.53
CA ARG D 57 -37.99 -22.54 -5.30
C ARG D 57 -36.48 -22.56 -5.19
N ASP D 58 -35.85 -22.03 -6.23
CA ASP D 58 -34.41 -21.86 -6.24
C ASP D 58 -34.00 -20.60 -5.51
N ASN D 59 -32.83 -20.64 -4.88
CA ASN D 59 -32.23 -19.46 -4.24
C ASN D 59 -33.21 -18.84 -3.26
N GLU D 60 -33.85 -19.70 -2.48
CA GLU D 60 -34.79 -19.24 -1.47
C GLU D 60 -34.03 -18.47 -0.38
N LEU D 61 -32.86 -18.98 0.00
CA LEU D 61 -31.94 -18.25 0.86
C LEU D 61 -30.55 -18.67 0.39
N LEU D 62 -29.79 -17.74 -0.18
CA LEU D 62 -28.48 -18.06 -0.69
C LEU D 62 -27.49 -16.99 -0.31
N VAL D 63 -26.37 -17.41 0.25
CA VAL D 63 -25.23 -16.52 0.52
C VAL D 63 -24.15 -16.88 -0.49
N TYR D 64 -23.78 -15.89 -1.30
CA TYR D 64 -22.96 -16.14 -2.50
C TYR D 64 -21.85 -15.09 -2.57
N LYS D 65 -20.64 -15.53 -2.91
CA LYS D 65 -19.50 -14.64 -3.04
C LYS D 65 -19.21 -14.44 -4.49
N GLU D 66 -19.50 -13.24 -4.98
CA GLU D 66 -19.40 -12.90 -6.38
C GLU D 66 -17.95 -12.80 -6.86
N ARG D 67 -17.15 -12.17 -6.03
CA ARG D 67 -15.77 -11.86 -6.32
C ARG D 67 -15.22 -11.31 -5.01
N VAL D 68 -13.92 -11.12 -4.94
N VAL D 68 -13.91 -11.12 -4.95
CA VAL D 68 -13.29 -10.59 -3.74
CA VAL D 68 -13.29 -10.59 -3.74
C VAL D 68 -13.96 -9.28 -3.35
C VAL D 68 -13.96 -9.28 -3.35
N GLY D 69 -14.27 -9.15 -2.07
CA GLY D 69 -14.84 -7.94 -1.53
C GLY D 69 -16.32 -7.73 -1.75
N GLU D 70 -17.02 -8.72 -2.28
CA GLU D 70 -18.45 -8.54 -2.59
C GLU D 70 -19.24 -9.75 -2.13
N TYR D 71 -20.21 -9.50 -1.27
CA TYR D 71 -21.05 -10.54 -0.67
C TYR D 71 -22.49 -10.33 -1.05
N SER D 72 -23.14 -11.38 -1.53
CA SER D 72 -24.55 -11.29 -1.93
C SER D 72 -25.44 -12.18 -1.06
N LEU D 73 -26.64 -11.68 -0.79
CA LEU D 73 -27.70 -12.48 -0.17
C LEU D 73 -28.87 -12.51 -1.15
N TYR D 74 -29.38 -13.71 -1.40
CA TYR D 74 -30.62 -13.90 -2.11
C TYR D 74 -31.69 -14.34 -1.14
N ILE D 75 -32.85 -13.72 -1.24
CA ILE D 75 -34.07 -14.14 -0.53
C ILE D 75 -35.16 -14.29 -1.58
N GLY D 76 -35.68 -15.50 -1.70
CA GLY D 76 -36.71 -15.77 -2.70
C GLY D 76 -36.34 -15.30 -4.09
N ARG D 77 -35.11 -15.59 -4.49
CA ARG D 77 -34.57 -15.25 -5.81
C ARG D 77 -34.13 -13.81 -6.02
N HIS D 78 -34.56 -12.92 -5.14
CA HIS D 78 -34.16 -11.52 -5.24
C HIS D 78 -32.79 -11.38 -4.57
N LYS D 79 -31.98 -10.44 -5.02
CA LYS D 79 -30.65 -10.34 -4.45
C LYS D 79 -30.25 -8.92 -4.05
N VAL D 80 -29.40 -8.87 -3.03
CA VAL D 80 -28.67 -7.68 -2.67
C VAL D 80 -27.20 -8.03 -2.52
N THR D 81 -26.37 -7.02 -2.66
CA THR D 81 -24.93 -7.18 -2.62
C THR D 81 -24.32 -6.00 -1.88
N SER D 82 -23.38 -6.28 -1.00
N SER D 82 -23.38 -6.29 -1.00
CA SER D 82 -22.62 -5.24 -0.33
CA SER D 82 -22.63 -5.25 -0.32
C SER D 82 -21.12 -5.52 -0.35
C SER D 82 -21.14 -5.49 -0.49
N LYS D 83 -20.36 -4.44 -0.27
CA LYS D 83 -18.92 -4.48 -0.53
C LYS D 83 -18.13 -4.24 0.72
N VAL D 84 -16.91 -4.77 0.74
CA VAL D 84 -16.04 -4.60 1.89
C VAL D 84 -14.59 -4.65 1.43
N ILE D 85 -13.73 -3.95 2.16
CA ILE D 85 -12.29 -4.07 1.99
C ILE D 85 -11.82 -5.33 2.69
N GLU D 86 -11.19 -6.22 1.95
CA GLU D 86 -10.65 -7.45 2.56
C GLU D 86 -9.36 -7.83 1.86
N LYS D 87 -8.50 -8.54 2.57
CA LYS D 87 -7.32 -9.13 1.96
C LYS D 87 -7.67 -10.43 1.27
N PHE D 88 -6.83 -10.83 0.32
CA PHE D 88 -7.04 -12.07 -0.39
C PHE D 88 -5.72 -12.81 -0.63
N PRO D 89 -5.66 -14.12 -0.30
CA PRO D 89 -6.63 -14.90 0.47
C PRO D 89 -6.55 -14.56 1.93
N ALA D 90 -7.66 -14.79 2.64
CA ALA D 90 -7.68 -14.58 4.08
C ALA D 90 -8.88 -15.29 4.68
N PRO D 91 -8.72 -15.84 5.88
CA PRO D 91 -9.89 -16.32 6.62
C PRO D 91 -10.88 -15.19 6.84
N VAL D 92 -12.16 -15.54 6.89
CA VAL D 92 -13.19 -14.54 7.14
C VAL D 92 -14.22 -15.11 8.09
N HIS D 93 -14.80 -14.24 8.89
CA HIS D 93 -16.01 -14.53 9.64
C HIS D 93 -17.15 -13.72 9.01
N ILE D 94 -18.21 -14.42 8.66
CA ILE D 94 -19.35 -13.82 7.97
C ILE D 94 -20.60 -14.02 8.80
N CYS D 95 -21.30 -12.92 9.09
N CYS D 95 -21.35 -12.94 8.95
CA CYS D 95 -22.67 -13.01 9.58
CA CYS D 95 -22.64 -13.00 9.57
C CYS D 95 -23.57 -12.28 8.59
C CYS D 95 -23.61 -12.19 8.73
N VAL D 96 -24.77 -12.78 8.44
CA VAL D 96 -25.80 -12.09 7.69
C VAL D 96 -27.13 -12.31 8.37
N SER D 97 -27.89 -11.24 8.47
CA SER D 97 -29.24 -11.35 8.98
C SER D 97 -30.20 -10.69 8.02
N TRP D 98 -31.45 -11.10 8.14
CA TRP D 98 -32.52 -10.51 7.36
C TRP D 98 -33.80 -10.52 8.19
N GLU D 99 -34.59 -9.47 8.00
CA GLU D 99 -35.81 -9.24 8.76
C GLU D 99 -36.92 -8.94 7.77
N SER D 100 -37.95 -9.79 7.73
CA SER D 100 -39.04 -9.59 6.78
C SER D 100 -39.75 -8.25 6.93
N SER D 101 -40.00 -7.84 8.16
CA SER D 101 -40.84 -6.66 8.36
C SER D 101 -40.28 -5.40 7.72
N SER D 102 -38.96 -5.26 7.72
CA SER D 102 -38.30 -4.13 7.08
C SER D 102 -37.64 -4.47 5.74
N GLY D 103 -37.42 -5.76 5.49
CA GLY D 103 -36.65 -6.21 4.34
C GLY D 103 -35.14 -6.05 4.50
N ILE D 104 -34.68 -5.58 5.66
CA ILE D 104 -33.27 -5.21 5.79
C ILE D 104 -32.39 -6.43 5.96
N ALA D 105 -31.34 -6.46 5.13
CA ALA D 105 -30.26 -7.45 5.22
C ALA D 105 -29.02 -6.76 5.74
N GLU D 106 -28.39 -7.37 6.75
CA GLU D 106 -27.17 -6.86 7.37
C GLU D 106 -26.06 -7.88 7.25
N PHE D 107 -25.01 -7.55 6.51
CA PHE D 107 -23.78 -8.34 6.51
C PHE D 107 -22.80 -7.76 7.53
N TRP D 108 -22.12 -8.64 8.23
CA TRP D 108 -20.98 -8.29 9.10
C TRP D 108 -19.82 -9.18 8.69
N ILE D 109 -18.69 -8.56 8.39
CA ILE D 109 -17.50 -9.28 7.94
C ILE D 109 -16.40 -9.00 8.95
N ASN D 110 -15.89 -10.07 9.57
CA ASN D 110 -14.90 -9.93 10.65
C ASN D 110 -15.31 -8.92 11.69
N GLY D 111 -16.59 -8.97 12.07
CA GLY D 111 -17.11 -8.11 13.11
C GLY D 111 -17.39 -6.67 12.70
N THR D 112 -17.23 -6.37 11.42
CA THR D 112 -17.51 -5.03 10.94
C THR D 112 -18.74 -5.01 10.04
N PRO D 113 -19.64 -4.05 10.26
CA PRO D 113 -20.89 -4.01 9.50
C PRO D 113 -20.69 -3.44 8.11
N LEU D 114 -21.27 -4.11 7.12
CA LEU D 114 -21.36 -3.57 5.77
C LEU D 114 -22.57 -2.63 5.67
N VAL D 115 -22.69 -1.95 4.54
CA VAL D 115 -23.86 -1.12 4.32
C VAL D 115 -25.11 -1.99 4.24
N LYS D 116 -26.15 -1.62 4.99
CA LYS D 116 -27.43 -2.33 4.91
C LYS D 116 -28.09 -2.17 3.54
N LYS D 117 -28.73 -3.24 3.09
CA LYS D 117 -29.53 -3.24 1.88
C LYS D 117 -30.88 -3.84 2.23
N GLY D 118 -31.84 -3.74 1.32
CA GLY D 118 -33.18 -4.22 1.60
C GLY D 118 -33.80 -4.95 0.41
N LEU D 119 -34.53 -6.01 0.73
CA LEU D 119 -35.21 -6.82 -0.26
C LEU D 119 -36.32 -7.62 0.38
N ARG D 120 -37.34 -7.95 -0.42
CA ARG D 120 -38.39 -8.88 -0.01
C ARG D 120 -39.10 -8.48 1.28
N GLN D 121 -39.32 -7.19 1.49
CA GLN D 121 -40.08 -6.75 2.64
C GLN D 121 -41.46 -7.43 2.62
N GLY D 122 -41.81 -8.05 3.73
CA GLY D 122 -43.10 -8.72 3.89
C GLY D 122 -43.13 -10.19 3.54
N TYR D 123 -42.06 -10.67 2.91
CA TYR D 123 -41.94 -12.04 2.44
C TYR D 123 -41.61 -13.00 3.60
N PHE D 124 -42.03 -14.26 3.47
CA PHE D 124 -41.57 -15.28 4.41
C PHE D 124 -40.75 -16.30 3.65
N VAL D 125 -39.55 -16.59 4.16
CA VAL D 125 -38.71 -17.62 3.58
C VAL D 125 -39.36 -18.98 3.80
N GLU D 126 -39.53 -19.75 2.73
CA GLU D 126 -40.25 -21.01 2.84
C GLU D 126 -39.54 -22.05 3.71
N ALA D 127 -40.34 -22.92 4.32
CA ALA D 127 -39.84 -23.97 5.19
C ALA D 127 -39.54 -25.26 4.43
N GLN D 128 -39.18 -26.29 5.20
CA GLN D 128 -38.80 -27.59 4.65
C GLN D 128 -37.69 -27.46 3.61
N PRO D 129 -36.58 -26.84 4.00
CA PRO D 129 -35.50 -26.66 3.04
C PRO D 129 -34.60 -27.87 2.87
N LYS D 130 -33.88 -27.88 1.75
CA LYS D 130 -32.63 -28.60 1.65
C LYS D 130 -31.54 -27.54 1.75
N ILE D 131 -30.59 -27.80 2.64
CA ILE D 131 -29.49 -26.89 2.94
C ILE D 131 -28.20 -27.59 2.60
N VAL D 132 -27.40 -26.93 1.76
CA VAL D 132 -26.18 -27.54 1.26
C VAL D 132 -25.00 -26.59 1.42
N LEU D 133 -23.91 -27.17 1.92
CA LEU D 133 -22.58 -26.53 1.88
C LEU D 133 -21.75 -27.21 0.81
N GLY D 134 -20.93 -26.42 0.11
CA GLY D 134 -20.02 -26.98 -0.85
C GLY D 134 -20.43 -26.86 -2.30
N GLN D 135 -21.74 -26.78 -2.52
CA GLN D 135 -22.29 -26.64 -3.85
C GLN D 135 -23.48 -25.69 -3.78
N GLU D 136 -23.82 -25.14 -4.93
CA GLU D 136 -24.98 -24.29 -5.12
C GLU D 136 -26.09 -25.12 -5.73
N GLN D 137 -27.24 -25.20 -5.07
CA GLN D 137 -28.37 -25.94 -5.64
C GLN D 137 -29.12 -25.18 -6.70
N ASP D 138 -29.53 -25.87 -7.76
CA ASP D 138 -30.57 -25.35 -8.67
C ASP D 138 -31.86 -26.15 -8.63
N SER D 139 -31.87 -27.26 -7.94
CA SER D 139 -33.08 -28.04 -7.72
C SER D 139 -33.27 -28.24 -6.22
N TYR D 140 -34.26 -29.03 -5.85
CA TYR D 140 -34.48 -29.30 -4.45
C TYR D 140 -33.51 -30.39 -4.01
N GLY D 141 -32.33 -29.96 -3.59
CA GLY D 141 -31.28 -30.84 -3.12
C GLY D 141 -30.16 -31.11 -4.11
N GLY D 142 -30.26 -30.59 -5.34
CA GLY D 142 -29.33 -31.00 -6.39
C GLY D 142 -29.10 -29.97 -7.48
N LYS D 143 -28.79 -30.48 -8.68
CA LYS D 143 -28.43 -29.68 -9.85
C LYS D 143 -27.34 -28.68 -9.52
N PHE D 144 -26.22 -29.24 -9.12
CA PHE D 144 -25.01 -28.48 -8.77
C PHE D 144 -24.26 -28.02 -10.02
N ASP D 145 -23.32 -27.09 -9.82
CA ASP D 145 -22.56 -26.45 -10.90
C ASP D 145 -21.12 -26.30 -10.43
N ARG D 146 -20.20 -27.00 -11.09
CA ARG D 146 -18.79 -27.04 -10.69
C ARG D 146 -18.20 -25.63 -10.55
N SER D 147 -18.66 -24.71 -11.39
CA SER D 147 -18.12 -23.36 -11.41
C SER D 147 -18.65 -22.48 -10.26
N GLN D 148 -19.54 -23.04 -9.45
CA GLN D 148 -20.06 -22.37 -8.25
C GLN D 148 -19.70 -23.10 -6.96
N SER D 149 -18.92 -24.17 -7.09
CA SER D 149 -18.57 -25.00 -5.95
C SER D 149 -17.63 -24.28 -5.00
N PHE D 150 -17.74 -24.59 -3.72
CA PHE D 150 -16.86 -24.03 -2.71
C PHE D 150 -15.70 -24.99 -2.48
N VAL D 151 -14.49 -24.45 -2.56
CA VAL D 151 -13.27 -25.20 -2.30
C VAL D 151 -12.60 -24.46 -1.17
N GLY D 152 -12.33 -25.15 -0.09
CA GLY D 152 -11.77 -24.53 1.09
C GLY D 152 -12.37 -25.09 2.36
N GLU D 153 -12.36 -24.29 3.41
CA GLU D 153 -12.74 -24.76 4.74
C GLU D 153 -13.84 -23.90 5.32
N ILE D 154 -14.81 -24.56 5.96
CA ILE D 154 -15.90 -23.85 6.66
C ILE D 154 -16.09 -24.39 8.06
N GLY D 155 -16.26 -23.50 9.03
CA GLY D 155 -16.54 -23.94 10.38
C GLY D 155 -17.36 -22.94 11.16
N ASP D 156 -17.64 -23.27 12.41
CA ASP D 156 -18.34 -22.39 13.35
C ASP D 156 -19.62 -21.83 12.74
N LEU D 157 -20.43 -22.72 12.17
CA LEU D 157 -21.68 -22.30 11.55
C LEU D 157 -22.84 -22.39 12.53
N TYR D 158 -23.59 -21.29 12.63
CA TYR D 158 -24.73 -21.13 13.51
C TYR D 158 -25.82 -20.39 12.77
N MET D 159 -27.07 -20.77 13.04
CA MET D 159 -28.18 -20.05 12.45
C MET D 159 -29.29 -19.92 13.49
N TRP D 160 -29.79 -18.70 13.61
CA TRP D 160 -30.81 -18.31 14.57
C TRP D 160 -32.06 -17.87 13.83
N ASP D 161 -33.23 -18.06 14.43
CA ASP D 161 -34.47 -17.55 13.84
C ASP D 161 -34.84 -16.13 14.30
N SER D 162 -33.82 -15.33 14.59
CA SER D 162 -33.98 -13.94 15.01
C SER D 162 -32.84 -13.12 14.41
N VAL D 163 -32.97 -11.80 14.46
CA VAL D 163 -31.92 -10.89 14.03
C VAL D 163 -31.03 -10.56 15.23
N LEU D 164 -29.77 -10.98 15.18
CA LEU D 164 -28.88 -10.73 16.31
C LEU D 164 -28.48 -9.26 16.38
N PRO D 165 -28.44 -8.71 17.61
CA PRO D 165 -27.89 -7.37 17.78
C PRO D 165 -26.36 -7.41 17.69
N PRO D 166 -25.75 -6.24 17.53
CA PRO D 166 -24.30 -6.18 17.35
C PRO D 166 -23.49 -6.92 18.41
N GLU D 167 -23.88 -6.81 19.67
CA GLU D 167 -23.10 -7.47 20.71
C GLU D 167 -23.10 -9.00 20.53
N ASN D 168 -24.20 -9.58 20.07
CA ASN D 168 -24.24 -11.02 19.86
C ASN D 168 -23.47 -11.43 18.59
N ILE D 169 -23.42 -10.57 17.60
N ILE D 169 -23.44 -10.55 17.60
CA ILE D 169 -22.61 -10.81 16.43
CA ILE D 169 -22.62 -10.74 16.41
C ILE D 169 -21.13 -10.82 16.81
C ILE D 169 -21.15 -10.82 16.82
N LEU D 170 -20.71 -9.85 17.62
CA LEU D 170 -19.35 -9.82 18.08
C LEU D 170 -19.01 -11.04 18.92
N SER D 171 -19.94 -11.48 19.77
CA SER D 171 -19.74 -12.71 20.52
C SER D 171 -19.47 -13.90 19.58
N ALA D 172 -20.24 -14.02 18.51
CA ALA D 172 -20.01 -15.09 17.58
C ALA D 172 -18.63 -14.95 16.94
N TYR D 173 -18.29 -13.73 16.49
CA TYR D 173 -16.98 -13.50 15.88
C TYR D 173 -15.84 -13.91 16.81
N GLN D 174 -16.02 -13.65 18.10
CA GLN D 174 -14.99 -13.91 19.11
C GLN D 174 -14.96 -15.34 19.58
N GLY D 175 -15.88 -16.16 19.11
CA GLY D 175 -15.87 -17.56 19.47
C GLY D 175 -16.77 -17.96 20.62
N THR D 176 -17.64 -17.06 21.06
CA THR D 176 -18.60 -17.37 22.14
C THR D 176 -20.02 -17.03 21.71
N PRO D 177 -20.51 -17.69 20.66
CA PRO D 177 -21.86 -17.40 20.15
C PRO D 177 -22.94 -17.73 21.16
N LEU D 178 -24.04 -17.01 21.06
CA LEU D 178 -25.24 -17.33 21.81
C LEU D 178 -25.83 -18.60 21.24
N PRO D 179 -26.59 -19.35 22.05
CA PRO D 179 -27.16 -20.60 21.54
C PRO D 179 -28.08 -20.34 20.34
N ALA D 180 -27.98 -21.23 19.36
CA ALA D 180 -28.63 -21.03 18.06
C ALA D 180 -29.66 -22.11 17.83
N ASN D 181 -30.85 -21.73 17.40
CA ASN D 181 -31.96 -22.69 17.35
C ASN D 181 -32.34 -23.28 15.99
N ILE D 182 -31.69 -22.85 14.91
CA ILE D 182 -31.90 -23.49 13.60
C ILE D 182 -30.76 -24.46 13.24
N LEU D 183 -29.53 -23.97 13.29
CA LEU D 183 -28.35 -24.80 13.09
C LEU D 183 -27.34 -24.44 14.17
N ASP D 184 -26.69 -25.45 14.74
CA ASP D 184 -25.71 -25.20 15.80
C ASP D 184 -24.51 -26.11 15.61
N TRP D 185 -23.34 -25.51 15.45
CA TRP D 185 -22.10 -26.24 15.18
C TRP D 185 -21.78 -27.25 16.28
N GLN D 186 -22.24 -26.97 17.50
CA GLN D 186 -21.98 -27.86 18.64
C GLN D 186 -22.97 -29.02 18.74
N ALA D 187 -23.98 -29.05 17.87
CA ALA D 187 -24.98 -30.09 17.84
C ALA D 187 -25.55 -30.14 16.43
N LEU D 188 -24.69 -30.50 15.49
CA LEU D 188 -25.03 -30.42 14.08
C LEU D 188 -25.41 -31.78 13.52
N ASN D 189 -26.52 -31.81 12.80
CA ASN D 189 -26.96 -32.99 12.09
C ASN D 189 -26.65 -32.81 10.60
N TYR D 190 -25.71 -33.58 10.09
CA TYR D 190 -25.22 -33.37 8.73
C TYR D 190 -25.00 -34.71 8.04
N GLU D 191 -24.88 -34.64 6.72
CA GLU D 191 -24.51 -35.79 5.88
C GLU D 191 -23.43 -35.36 4.92
N ILE D 192 -22.30 -36.04 4.97
CA ILE D 192 -21.23 -35.82 4.02
C ILE D 192 -21.49 -36.67 2.77
N ARG D 193 -21.33 -36.04 1.61
CA ARG D 193 -21.42 -36.71 0.32
C ARG D 193 -20.18 -36.36 -0.51
N GLY D 194 -19.57 -37.37 -1.12
CA GLY D 194 -18.32 -37.15 -1.83
C GLY D 194 -17.16 -36.85 -0.89
N TYR D 195 -16.22 -36.07 -1.40
CA TYR D 195 -14.96 -35.83 -0.75
C TYR D 195 -15.03 -34.58 0.11
N VAL D 196 -15.34 -34.79 1.38
CA VAL D 196 -15.35 -33.75 2.40
C VAL D 196 -14.72 -34.37 3.64
N ILE D 197 -13.76 -33.67 4.22
CA ILE D 197 -12.99 -34.20 5.34
C ILE D 197 -13.14 -33.28 6.55
N ILE D 198 -13.37 -33.83 7.73
CA ILE D 198 -13.41 -33.04 8.95
C ILE D 198 -11.99 -32.97 9.53
N LYS D 199 -11.52 -31.74 9.79
CA LYS D 199 -10.20 -31.51 10.36
C LYS D 199 -10.27 -30.48 11.45
N PRO D 200 -9.26 -30.45 12.32
CA PRO D 200 -9.19 -29.33 13.28
C PRO D 200 -9.07 -28.00 12.58
N LEU D 201 -9.65 -26.98 13.20
CA LEU D 201 -9.53 -25.60 12.76
C LEU D 201 -8.16 -25.07 13.22
N VAL D 202 -7.29 -24.73 12.29
CA VAL D 202 -5.95 -24.26 12.67
C VAL D 202 -5.67 -22.81 12.28
N TRP D 203 -6.63 -22.15 11.65
CA TRP D 203 -6.43 -20.81 11.11
C TRP D 203 -7.17 -19.71 11.84
N VAL D 204 -7.91 -20.05 12.88
CA VAL D 204 -8.41 -19.05 13.82
C VAL D 204 -7.72 -19.25 15.16
N HIS E 1 27.72 -38.30 6.86
CA HIS E 1 26.67 -37.24 6.92
C HIS E 1 27.27 -35.99 7.53
N THR E 2 26.60 -34.87 7.33
CA THR E 2 27.19 -33.56 7.58
C THR E 2 26.22 -32.69 8.34
N ASP E 3 26.74 -31.97 9.33
CA ASP E 3 25.98 -30.99 10.09
C ASP E 3 26.01 -29.64 9.36
N LEU E 4 24.89 -29.26 8.77
CA LEU E 4 24.77 -28.01 8.04
C LEU E 4 24.13 -26.90 8.87
N SER E 5 24.10 -27.03 10.20
CA SER E 5 23.57 -25.99 11.08
C SER E 5 24.18 -24.65 10.72
N GLY E 6 23.35 -23.63 10.56
CA GLY E 6 23.83 -22.30 10.29
C GLY E 6 24.27 -22.04 8.85
N LYS E 7 24.07 -23.01 7.96
CA LYS E 7 24.56 -22.94 6.59
C LYS E 7 23.43 -23.16 5.58
N VAL E 8 23.66 -22.69 4.36
CA VAL E 8 22.76 -22.85 3.23
C VAL E 8 23.51 -23.41 2.04
N PHE E 9 22.78 -24.08 1.16
CA PHE E 9 23.25 -24.29 -0.21
C PHE E 9 22.93 -23.06 -1.03
N VAL E 10 23.92 -22.54 -1.73
CA VAL E 10 23.75 -21.45 -2.69
C VAL E 10 23.89 -22.02 -4.10
N PHE E 11 22.83 -21.86 -4.88
CA PHE E 11 22.79 -22.16 -6.30
C PHE E 11 22.96 -20.80 -6.98
N PRO E 12 24.19 -20.44 -7.37
CA PRO E 12 24.44 -19.01 -7.62
C PRO E 12 24.13 -18.53 -9.02
N ARG E 13 23.73 -19.42 -9.92
CA ARG E 13 23.44 -19.05 -11.30
C ARG E 13 22.44 -20.01 -11.86
N GLU E 14 21.82 -19.60 -12.96
CA GLU E 14 20.94 -20.47 -13.72
C GLU E 14 21.72 -21.45 -14.56
N SER E 15 21.30 -22.71 -14.53
CA SER E 15 21.96 -23.77 -15.28
C SER E 15 20.98 -24.91 -15.46
N VAL E 16 21.38 -25.88 -16.28
CA VAL E 16 20.67 -27.14 -16.37
C VAL E 16 21.44 -28.23 -15.59
N THR E 17 22.58 -27.87 -14.99
CA THR E 17 23.54 -28.84 -14.39
C THR E 17 23.67 -28.81 -12.88
N ASP E 18 23.55 -27.62 -12.29
CA ASP E 18 23.90 -27.43 -10.89
C ASP E 18 22.80 -28.02 -10.02
N HIS E 19 23.14 -28.93 -9.11
CA HIS E 19 22.14 -29.55 -8.26
C HIS E 19 22.77 -30.24 -7.07
N VAL E 20 21.95 -30.53 -6.07
CA VAL E 20 22.36 -31.34 -4.93
C VAL E 20 21.49 -32.57 -4.87
N ASN E 21 22.12 -33.75 -4.77
CA ASN E 21 21.40 -35.00 -4.54
C ASN E 21 21.33 -35.24 -3.04
N LEU E 22 20.13 -35.55 -2.56
CA LEU E 22 19.95 -35.86 -1.14
C LEU E 22 19.69 -37.35 -1.00
N ILE E 23 20.42 -37.99 -0.10
N ILE E 23 20.43 -37.99 -0.11
CA ILE E 23 20.36 -39.44 0.07
CA ILE E 23 20.33 -39.43 0.08
C ILE E 23 19.65 -39.80 1.37
C ILE E 23 19.61 -39.76 1.37
N THR E 24 18.59 -40.60 1.27
CA THR E 24 17.89 -41.06 2.45
C THR E 24 17.88 -42.58 2.39
N PRO E 25 17.95 -43.24 3.56
CA PRO E 25 17.80 -44.70 3.62
C PRO E 25 16.32 -45.13 3.58
N LEU E 26 15.52 -44.51 2.73
CA LEU E 26 14.07 -44.74 2.71
C LEU E 26 13.70 -45.88 1.80
N GLU E 27 13.32 -47.02 2.38
CA GLU E 27 12.94 -48.15 1.56
C GLU E 27 11.45 -48.45 1.62
N LYS E 28 10.73 -47.78 2.50
N LYS E 28 10.72 -47.81 2.53
CA LYS E 28 9.30 -48.06 2.66
CA LYS E 28 9.30 -48.09 2.63
C LYS E 28 8.44 -46.91 2.11
C LYS E 28 8.46 -46.93 2.10
N PRO E 29 7.43 -47.26 1.31
CA PRO E 29 6.57 -46.20 0.78
C PRO E 29 5.96 -45.36 1.90
N LEU E 30 5.70 -44.10 1.58
CA LEU E 30 5.24 -43.13 2.57
C LEU E 30 3.74 -42.96 2.52
N GLN E 31 3.14 -43.07 3.69
CA GLN E 31 1.74 -42.82 3.87
C GLN E 31 1.51 -41.39 4.39
N ASN E 32 2.46 -40.88 5.17
CA ASN E 32 2.39 -39.56 5.80
C ASN E 32 3.79 -38.93 5.62
N PHE E 33 3.86 -37.63 5.37
CA PHE E 33 5.13 -36.94 5.48
C PHE E 33 4.92 -35.46 5.77
N THR E 34 5.97 -34.82 6.28
CA THR E 34 6.09 -33.37 6.36
C THR E 34 7.47 -33.00 5.88
N LEU E 35 7.55 -31.93 5.11
CA LEU E 35 8.81 -31.40 4.61
C LEU E 35 8.83 -29.92 4.94
N CYS E 36 9.92 -29.43 5.57
N CYS E 36 9.93 -29.42 5.48
CA CYS E 36 10.08 -28.01 5.89
CA CYS E 36 10.05 -27.99 5.63
C CYS E 36 11.46 -27.56 5.37
C CYS E 36 11.47 -27.53 5.44
N PHE E 37 11.58 -26.31 4.95
CA PHE E 37 12.86 -25.73 4.60
C PHE E 37 12.69 -24.23 4.47
N ARG E 38 13.82 -23.52 4.40
CA ARG E 38 13.83 -22.09 4.15
C ARG E 38 14.44 -21.86 2.79
N ALA E 39 13.94 -20.87 2.08
CA ALA E 39 14.46 -20.54 0.76
C ALA E 39 14.47 -19.04 0.54
N TYR E 40 15.39 -18.60 -0.30
CA TYR E 40 15.52 -17.19 -0.62
C TYR E 40 15.95 -17.10 -2.07
N SER E 41 15.06 -16.60 -2.92
CA SER E 41 15.31 -16.51 -4.36
C SER E 41 14.69 -15.22 -4.89
N ASP E 42 15.29 -14.61 -5.91
CA ASP E 42 14.65 -13.47 -6.56
C ASP E 42 14.24 -13.77 -7.99
N LEU E 43 14.05 -15.04 -8.29
CA LEU E 43 13.43 -15.46 -9.54
C LEU E 43 11.95 -15.10 -9.56
N SER E 44 11.47 -14.65 -10.70
CA SER E 44 10.05 -14.46 -10.92
C SER E 44 9.43 -15.59 -11.74
N ARG E 45 10.23 -16.28 -12.52
CA ARG E 45 9.74 -17.40 -13.31
C ARG E 45 9.49 -18.55 -12.36
N ALA E 46 8.89 -19.61 -12.87
CA ALA E 46 8.61 -20.78 -12.09
C ALA E 46 9.88 -21.53 -11.73
N TYR E 47 9.84 -22.25 -10.61
CA TYR E 47 10.96 -23.08 -10.22
C TYR E 47 10.57 -24.19 -9.28
N SER E 48 11.34 -25.25 -9.32
CA SER E 48 11.22 -26.36 -8.39
C SER E 48 11.98 -26.12 -7.11
N LEU E 49 11.33 -26.41 -6.00
CA LEU E 49 11.93 -26.34 -4.67
C LEU E 49 12.46 -27.67 -4.18
N PHE E 50 11.73 -28.74 -4.46
CA PHE E 50 12.10 -30.07 -3.97
C PHE E 50 11.55 -31.11 -4.92
N SER E 51 12.42 -31.92 -5.51
CA SER E 51 12.03 -32.87 -6.56
C SER E 51 12.38 -34.28 -6.13
N TYR E 52 11.36 -35.14 -6.05
CA TYR E 52 11.49 -36.53 -5.62
C TYR E 52 10.80 -37.38 -6.69
N ASN E 53 11.61 -38.18 -7.41
CA ASN E 53 11.14 -39.06 -8.47
C ASN E 53 11.53 -40.49 -8.11
N THR E 54 10.77 -41.45 -8.63
CA THR E 54 11.15 -42.85 -8.47
C THR E 54 11.22 -43.47 -9.85
N GLN E 55 11.70 -44.72 -9.94
CA GLN E 55 11.92 -45.34 -11.23
C GLN E 55 10.60 -45.43 -11.98
N GLY E 56 10.56 -44.80 -13.15
CA GLY E 56 9.39 -44.81 -14.00
C GLY E 56 8.29 -43.83 -13.62
N ARG E 57 8.56 -42.99 -12.62
CA ARG E 57 7.52 -42.13 -12.05
C ARG E 57 8.02 -40.71 -11.88
N ASP E 58 7.53 -39.83 -12.75
CA ASP E 58 7.85 -38.41 -12.66
C ASP E 58 6.93 -37.71 -11.67
N ASN E 59 7.47 -36.71 -10.99
CA ASN E 59 6.69 -35.87 -10.08
C ASN E 59 6.00 -36.70 -9.03
N GLU E 60 6.75 -37.65 -8.50
CA GLU E 60 6.20 -38.53 -7.47
C GLU E 60 5.92 -37.75 -6.18
N LEU E 61 6.83 -36.84 -5.84
CA LEU E 61 6.62 -35.86 -4.77
C LEU E 61 7.39 -34.62 -5.23
N LEU E 62 6.67 -33.56 -5.53
CA LEU E 62 7.31 -32.35 -6.03
C LEU E 62 6.70 -31.13 -5.35
N VAL E 63 7.56 -30.24 -4.85
CA VAL E 63 7.14 -28.94 -4.35
C VAL E 63 7.63 -27.90 -5.35
N TYR E 64 6.70 -27.14 -5.92
CA TYR E 64 6.95 -26.29 -7.07
C TYR E 64 6.34 -24.92 -6.87
N LYS E 65 7.07 -23.88 -7.24
CA LYS E 65 6.59 -22.50 -7.13
C LYS E 65 6.27 -22.00 -8.54
N GLU E 66 4.99 -21.92 -8.87
CA GLU E 66 4.56 -21.51 -10.21
C GLU E 66 4.84 -20.03 -10.50
N ARG E 67 4.60 -19.22 -9.48
CA ARG E 67 4.70 -17.77 -9.57
C ARG E 67 4.58 -17.23 -8.15
N VAL E 68 4.82 -15.94 -7.99
CA VAL E 68 4.75 -15.35 -6.66
C VAL E 68 3.39 -15.62 -6.04
N GLY E 69 3.43 -16.02 -4.77
CA GLY E 69 2.22 -16.26 -4.00
C GLY E 69 1.49 -17.57 -4.23
N GLU E 70 2.07 -18.49 -4.98
CA GLU E 70 1.40 -19.74 -5.32
C GLU E 70 2.32 -20.92 -5.18
N TYR E 71 1.95 -21.87 -4.32
CA TYR E 71 2.76 -23.05 -4.02
C TYR E 71 2.01 -24.30 -4.43
N SER E 72 2.69 -25.20 -5.13
CA SER E 72 2.08 -26.43 -5.59
C SER E 72 2.77 -27.63 -4.98
N LEU E 73 1.97 -28.65 -4.67
CA LEU E 73 2.47 -29.97 -4.28
C LEU E 73 1.96 -30.98 -5.30
N TYR E 74 2.83 -31.84 -5.78
CA TYR E 74 2.47 -32.97 -6.61
C TYR E 74 2.72 -34.24 -5.82
N ILE E 75 1.73 -35.15 -5.87
CA ILE E 75 1.83 -36.49 -5.31
C ILE E 75 1.46 -37.47 -6.43
N GLY E 76 2.39 -38.31 -6.84
CA GLY E 76 2.09 -39.25 -7.92
C GLY E 76 1.56 -38.55 -9.16
N ARG E 77 2.18 -37.44 -9.55
CA ARG E 77 1.80 -36.65 -10.74
C ARG E 77 0.60 -35.73 -10.55
N HIS E 78 -0.27 -36.01 -9.57
CA HIS E 78 -1.45 -35.18 -9.34
C HIS E 78 -1.00 -33.95 -8.59
N LYS E 79 -1.68 -32.84 -8.80
CA LYS E 79 -1.25 -31.60 -8.16
C LYS E 79 -2.34 -30.87 -7.44
N VAL E 80 -1.93 -30.17 -6.41
CA VAL E 80 -2.75 -29.16 -5.76
C VAL E 80 -1.94 -27.89 -5.64
N THR E 81 -2.62 -26.74 -5.52
CA THR E 81 -1.97 -25.45 -5.42
C THR E 81 -2.73 -24.60 -4.41
N SER E 82 -2.00 -23.89 -3.55
CA SER E 82 -2.61 -22.91 -2.66
C SER E 82 -1.88 -21.59 -2.68
N LYS E 83 -2.62 -20.54 -2.35
CA LYS E 83 -2.14 -19.17 -2.50
C LYS E 83 -1.88 -18.50 -1.18
N VAL E 84 -0.99 -17.51 -1.21
CA VAL E 84 -0.67 -16.76 0.00
C VAL E 84 -0.27 -15.35 -0.38
N ILE E 85 -0.50 -14.40 0.51
CA ILE E 85 0.06 -13.06 0.40
C ILE E 85 1.52 -13.08 0.80
N GLU E 86 2.41 -12.65 -0.09
CA GLU E 86 3.83 -12.59 0.27
C GLU E 86 4.48 -11.43 -0.47
N LYS E 87 5.55 -10.94 0.12
CA LYS E 87 6.37 -9.92 -0.51
C LYS E 87 7.36 -10.57 -1.47
N PHE E 88 7.83 -9.79 -2.42
CA PHE E 88 8.81 -10.27 -3.40
C PHE E 88 9.88 -9.23 -3.68
N PRO E 89 11.17 -9.60 -3.58
CA PRO E 89 11.72 -10.87 -3.08
C PRO E 89 11.69 -10.90 -1.57
N ALA E 90 11.65 -12.10 -0.99
CA ALA E 90 11.70 -12.22 0.46
C ALA E 90 12.08 -13.64 0.82
N PRO E 91 12.87 -13.81 1.87
CA PRO E 91 13.07 -15.15 2.44
C PRO E 91 11.74 -15.75 2.84
N VAL E 92 11.65 -17.07 2.81
CA VAL E 92 10.44 -17.78 3.19
C VAL E 92 10.79 -19.04 3.94
N HIS E 93 9.92 -19.40 4.87
CA HIS E 93 9.92 -20.71 5.49
C HIS E 93 8.69 -21.45 4.98
N ILE E 94 8.91 -22.62 4.42
CA ILE E 94 7.87 -23.43 3.81
C ILE E 94 7.80 -24.76 4.49
N CYS E 95 6.61 -25.14 4.96
N CYS E 95 6.60 -25.18 4.80
CA CYS E 95 6.35 -26.51 5.37
CA CYS E 95 6.36 -26.49 5.37
C CYS E 95 5.19 -27.02 4.52
C CYS E 95 5.12 -27.08 4.72
N VAL E 96 5.23 -28.29 4.19
CA VAL E 96 4.13 -28.96 3.57
C VAL E 96 4.01 -30.36 4.14
N SER E 97 2.79 -30.76 4.47
CA SER E 97 2.54 -32.12 4.92
C SER E 97 1.46 -32.74 4.02
N TRP E 98 1.44 -34.05 3.99
CA TRP E 98 0.41 -34.80 3.30
C TRP E 98 0.12 -36.09 4.05
N GLU E 99 -1.15 -36.43 4.07
CA GLU E 99 -1.70 -37.55 4.83
C GLU E 99 -2.51 -38.42 3.86
N SER E 100 -2.07 -39.62 3.59
CA SER E 100 -2.77 -40.50 2.68
C SER E 100 -4.21 -40.77 3.10
N SER E 101 -4.45 -40.95 4.39
CA SER E 101 -5.78 -41.44 4.80
C SER E 101 -6.88 -40.46 4.42
N SER E 102 -6.59 -39.17 4.47
CA SER E 102 -7.53 -38.15 4.06
C SER E 102 -7.22 -37.52 2.71
N GLY E 103 -5.99 -37.70 2.21
CA GLY E 103 -5.51 -36.97 1.05
C GLY E 103 -5.14 -35.51 1.30
N ILE E 104 -5.24 -35.06 2.54
CA ILE E 104 -5.09 -33.62 2.81
C ILE E 104 -3.63 -33.18 2.77
N ALA E 105 -3.40 -32.13 2.00
CA ALA E 105 -2.11 -31.45 1.92
C ALA E 105 -2.22 -30.11 2.63
N GLU E 106 -1.28 -29.84 3.53
CA GLU E 106 -1.23 -28.58 4.27
C GLU E 106 0.04 -27.84 3.97
N PHE E 107 -0.04 -26.69 3.35
CA PHE E 107 1.09 -25.78 3.27
C PHE E 107 1.04 -24.80 4.43
N TRP E 108 2.20 -24.48 4.98
CA TRP E 108 2.38 -23.45 5.99
C TRP E 108 3.54 -22.57 5.52
N ILE E 109 3.28 -21.28 5.38
CA ILE E 109 4.26 -20.33 4.89
C ILE E 109 4.52 -19.34 5.99
N ASN E 110 5.78 -19.25 6.42
CA ASN E 110 6.16 -18.40 7.55
C ASN E 110 5.24 -18.63 8.72
N GLY E 111 4.94 -19.89 8.99
CA GLY E 111 4.16 -20.25 10.16
C GLY E 111 2.66 -20.01 10.04
N THR E 112 2.19 -19.63 8.87
N THR E 112 2.18 -19.60 8.87
CA THR E 112 0.77 -19.43 8.68
CA THR E 112 0.76 -19.35 8.64
C THR E 112 0.20 -20.48 7.75
C THR E 112 0.18 -20.41 7.71
N PRO E 113 -0.95 -21.01 8.11
CA PRO E 113 -1.52 -22.06 7.29
C PRO E 113 -2.25 -21.54 6.07
N LEU E 114 -1.96 -22.15 4.93
CA LEU E 114 -2.70 -21.93 3.70
C LEU E 114 -3.99 -22.76 3.72
N VAL E 115 -4.87 -22.50 2.77
CA VAL E 115 -6.07 -23.31 2.64
C VAL E 115 -5.68 -24.76 2.34
N LYS E 116 -6.27 -25.70 3.08
CA LYS E 116 -6.03 -27.13 2.82
C LYS E 116 -6.56 -27.55 1.47
N LYS E 117 -5.84 -28.45 0.80
CA LYS E 117 -6.32 -29.06 -0.44
C LYS E 117 -6.15 -30.56 -0.28
N GLY E 118 -6.71 -31.32 -1.21
CA GLY E 118 -6.65 -32.77 -1.11
C GLY E 118 -6.39 -33.46 -2.41
N LEU E 119 -5.59 -34.51 -2.34
CA LEU E 119 -5.27 -35.31 -3.50
C LEU E 119 -4.77 -36.69 -3.08
N ARG E 120 -4.93 -37.65 -3.97
CA ARG E 120 -4.34 -38.96 -3.81
C ARG E 120 -4.70 -39.66 -2.49
N GLN E 121 -5.94 -39.49 -2.04
CA GLN E 121 -6.38 -40.20 -0.84
C GLN E 121 -6.19 -41.72 -1.04
N GLY E 122 -5.52 -42.37 -0.07
CA GLY E 122 -5.29 -43.81 -0.11
C GLY E 122 -4.01 -44.24 -0.80
N TYR E 123 -3.37 -43.30 -1.50
CA TYR E 123 -2.13 -43.58 -2.20
C TYR E 123 -0.94 -43.70 -1.26
N PHE E 124 0.09 -44.41 -1.68
CA PHE E 124 1.37 -44.41 -0.97
C PHE E 124 2.42 -43.87 -1.90
N VAL E 125 3.19 -42.88 -1.44
CA VAL E 125 4.30 -42.35 -2.22
C VAL E 125 5.38 -43.42 -2.33
N GLU E 126 5.81 -43.69 -3.55
CA GLU E 126 6.76 -44.78 -3.79
C GLU E 126 8.13 -44.48 -3.17
N ALA E 127 8.78 -45.56 -2.72
CA ALA E 127 10.11 -45.53 -2.10
C ALA E 127 11.25 -45.61 -3.12
N GLN E 128 12.47 -45.70 -2.62
CA GLN E 128 13.68 -45.69 -3.44
C GLN E 128 13.75 -44.47 -4.37
N PRO E 129 13.61 -43.27 -3.80
CA PRO E 129 13.62 -42.08 -4.63
C PRO E 129 15.01 -41.60 -5.02
N LYS E 130 15.05 -40.75 -6.03
CA LYS E 130 16.13 -39.78 -6.20
C LYS E 130 15.52 -38.44 -5.80
N ILE E 131 16.22 -37.74 -4.93
CA ILE E 131 15.78 -36.46 -4.39
C ILE E 131 16.79 -35.39 -4.78
N VAL E 132 16.31 -34.34 -5.42
CA VAL E 132 17.18 -33.31 -5.94
C VAL E 132 16.71 -31.92 -5.52
N LEU E 133 17.69 -31.10 -5.12
CA LEU E 133 17.52 -29.66 -4.97
C LEU E 133 18.25 -28.95 -6.11
N GLY E 134 17.67 -27.85 -6.58
CA GLY E 134 18.29 -26.99 -7.59
C GLY E 134 17.78 -27.22 -9.00
N GLN E 135 17.22 -28.40 -9.25
CA GLN E 135 16.66 -28.75 -10.55
C GLN E 135 15.40 -29.56 -10.36
N GLU E 136 14.57 -29.59 -11.39
CA GLU E 136 13.36 -30.40 -11.44
C GLU E 136 13.67 -31.64 -12.30
N GLN E 137 13.49 -32.83 -11.75
CA GLN E 137 13.75 -34.05 -12.51
C GLN E 137 12.60 -34.38 -13.45
N ASP E 138 12.90 -34.87 -14.65
CA ASP E 138 11.90 -35.55 -15.49
C ASP E 138 12.23 -37.02 -15.71
N SER E 139 13.34 -37.47 -15.17
CA SER E 139 13.72 -38.88 -15.22
C SER E 139 14.14 -39.28 -13.82
N TYR E 140 14.62 -40.51 -13.66
CA TYR E 140 15.09 -40.96 -12.37
C TYR E 140 16.51 -40.43 -12.14
N GLY E 141 16.57 -39.22 -11.60
CA GLY E 141 17.84 -38.59 -11.28
C GLY E 141 18.30 -37.52 -12.27
N GLY E 142 17.53 -37.27 -13.32
CA GLY E 142 18.00 -36.37 -14.37
C GLY E 142 16.89 -35.76 -15.21
N LYS E 143 17.23 -35.50 -16.49
CA LYS E 143 16.38 -34.80 -17.43
C LYS E 143 15.88 -33.47 -16.84
N PHE E 144 16.84 -32.61 -16.54
CA PHE E 144 16.58 -31.31 -15.97
C PHE E 144 16.17 -30.28 -17.03
N ASP E 145 15.71 -29.12 -16.58
CA ASP E 145 15.20 -28.07 -17.44
C ASP E 145 15.59 -26.73 -16.81
N ARG E 146 16.45 -25.96 -17.44
CA ARG E 146 16.96 -24.76 -16.77
C ARG E 146 15.86 -23.74 -16.47
N SER E 147 14.76 -23.79 -17.20
N SER E 147 14.75 -23.80 -17.21
CA SER E 147 13.63 -22.88 -16.93
CA SER E 147 13.61 -22.90 -16.96
C SER E 147 12.85 -23.24 -15.67
C SER E 147 12.89 -23.22 -15.65
N GLN E 148 13.21 -24.35 -15.05
CA GLN E 148 12.60 -24.78 -13.79
C GLN E 148 13.65 -24.87 -12.69
N SER E 149 14.88 -24.47 -12.97
CA SER E 149 15.98 -24.52 -11.99
C SER E 149 15.79 -23.49 -10.88
N PHE E 150 16.29 -23.84 -9.71
CA PHE E 150 16.26 -22.95 -8.56
C PHE E 150 17.56 -22.19 -8.45
N VAL E 151 17.47 -20.86 -8.44
CA VAL E 151 18.62 -19.98 -8.27
C VAL E 151 18.37 -19.23 -7.00
N GLY E 152 19.27 -19.37 -6.04
CA GLY E 152 19.11 -18.77 -4.74
C GLY E 152 19.65 -19.66 -3.67
N GLU E 153 19.11 -19.51 -2.48
CA GLU E 153 19.64 -20.19 -1.30
C GLU E 153 18.55 -21.06 -0.63
N ILE E 154 18.95 -22.24 -0.14
CA ILE E 154 18.09 -23.14 0.61
C ILE E 154 18.79 -23.60 1.87
N GLY E 155 18.09 -23.58 3.00
CA GLY E 155 18.61 -24.10 4.24
C GLY E 155 17.56 -24.72 5.13
N ASP E 156 18.03 -25.27 6.24
CA ASP E 156 17.19 -25.78 7.33
C ASP E 156 16.11 -26.72 6.81
N LEU E 157 16.54 -27.71 6.03
CA LEU E 157 15.63 -28.69 5.43
C LEU E 157 15.50 -29.92 6.30
N TYR E 158 14.25 -30.32 6.53
CA TYR E 158 13.87 -31.48 7.31
C TYR E 158 12.73 -32.20 6.64
N MET E 159 12.74 -33.52 6.70
CA MET E 159 11.63 -34.31 6.24
C MET E 159 11.36 -35.42 7.24
N TRP E 160 10.09 -35.52 7.64
CA TRP E 160 9.63 -36.49 8.62
C TRP E 160 8.61 -37.43 7.99
N ASP E 161 8.53 -38.67 8.47
CA ASP E 161 7.51 -39.62 7.99
C ASP E 161 6.19 -39.53 8.75
N SER E 162 5.85 -38.36 9.20
CA SER E 162 4.61 -38.11 9.92
C SER E 162 4.08 -36.75 9.53
N VAL E 163 2.83 -36.47 9.89
CA VAL E 163 2.21 -35.17 9.70
C VAL E 163 2.42 -34.35 10.95
N LEU E 164 3.24 -33.31 10.86
CA LEU E 164 3.50 -32.50 12.04
C LEU E 164 2.27 -31.69 12.44
N PRO E 165 1.96 -31.67 13.75
CA PRO E 165 0.91 -30.79 14.26
C PRO E 165 1.39 -29.33 14.24
N PRO E 166 0.45 -28.38 14.31
CA PRO E 166 0.83 -26.96 14.26
C PRO E 166 1.96 -26.55 15.21
N GLU E 167 1.96 -27.05 16.44
CA GLU E 167 3.02 -26.66 17.36
C GLU E 167 4.41 -27.04 16.86
N ASN E 168 4.53 -28.17 16.17
CA ASN E 168 5.82 -28.60 15.67
C ASN E 168 6.20 -27.84 14.39
N ILE E 169 5.21 -27.42 13.60
CA ILE E 169 5.47 -26.55 12.44
C ILE E 169 6.01 -25.22 12.91
N LEU E 170 5.38 -24.65 13.94
CA LEU E 170 5.84 -23.37 14.45
C LEU E 170 7.25 -23.49 15.04
N SER E 171 7.54 -24.61 15.70
N SER E 171 7.53 -24.59 15.74
CA SER E 171 8.87 -24.80 16.27
CA SER E 171 8.86 -24.84 16.27
C SER E 171 9.95 -24.90 15.18
C SER E 171 9.91 -24.84 15.15
N ALA E 172 9.61 -25.49 14.03
CA ALA E 172 10.55 -25.51 12.90
C ALA E 172 10.75 -24.11 12.35
N TYR E 173 9.66 -23.37 12.21
CA TYR E 173 9.74 -21.99 11.72
C TYR E 173 10.59 -21.10 12.63
N GLN E 174 10.38 -21.18 13.94
CA GLN E 174 11.21 -20.48 14.93
C GLN E 174 12.69 -20.88 15.00
N GLY E 175 13.05 -22.06 14.53
CA GLY E 175 14.42 -22.53 14.68
C GLY E 175 14.65 -23.62 15.72
N THR E 176 13.57 -24.24 16.19
CA THR E 176 13.65 -25.42 17.10
C THR E 176 12.92 -26.68 16.55
N PRO E 177 13.35 -27.13 15.38
CA PRO E 177 12.65 -28.25 14.73
C PRO E 177 12.83 -29.55 15.49
N LEU E 178 11.82 -30.41 15.44
CA LEU E 178 11.98 -31.77 15.95
C LEU E 178 12.95 -32.52 15.06
N PRO E 179 13.83 -33.33 15.65
CA PRO E 179 14.69 -34.15 14.81
C PRO E 179 13.86 -34.95 13.81
N ALA E 180 14.39 -35.11 12.61
CA ALA E 180 13.66 -35.66 11.49
C ALA E 180 14.29 -36.94 10.99
N ASN E 181 13.44 -37.89 10.59
CA ASN E 181 13.90 -39.24 10.28
C ASN E 181 14.06 -39.58 8.80
N ILE E 182 13.63 -38.73 7.88
CA ILE E 182 13.89 -38.99 6.46
C ILE E 182 15.07 -38.14 5.96
N LEU E 183 15.01 -36.83 6.21
CA LEU E 183 16.13 -35.91 5.93
C LEU E 183 16.26 -34.96 7.11
N ASP E 184 17.49 -34.67 7.53
CA ASP E 184 17.69 -33.81 8.67
C ASP E 184 18.95 -32.98 8.43
N TRP E 185 18.81 -31.67 8.55
CA TRP E 185 19.87 -30.71 8.26
C TRP E 185 21.11 -30.88 9.13
N GLN E 186 20.94 -31.44 10.33
CA GLN E 186 22.06 -31.68 11.24
C GLN E 186 22.83 -32.95 10.90
N ALA E 187 22.32 -33.77 9.99
CA ALA E 187 22.97 -35.02 9.63
C ALA E 187 22.56 -35.37 8.21
N LEU E 188 22.93 -34.52 7.28
CA LEU E 188 22.48 -34.63 5.90
C LEU E 188 23.52 -35.35 5.04
N ASN E 189 23.07 -36.33 4.29
CA ASN E 189 23.91 -37.05 3.34
C ASN E 189 23.60 -36.50 1.95
N TYR E 190 24.54 -35.74 1.40
CA TYR E 190 24.27 -35.03 0.16
C TYR E 190 25.45 -35.16 -0.77
N GLU E 191 25.19 -34.89 -2.04
CA GLU E 191 26.23 -34.80 -3.07
C GLU E 191 26.00 -33.56 -3.93
N ILE E 192 26.99 -32.66 -3.95
CA ILE E 192 26.95 -31.50 -4.81
C ILE E 192 27.41 -31.88 -6.22
N ARG E 193 26.67 -31.41 -7.21
CA ARG E 193 27.07 -31.56 -8.61
C ARG E 193 27.03 -30.19 -9.26
N GLY E 194 28.10 -29.84 -9.93
CA GLY E 194 28.18 -28.54 -10.55
C GLY E 194 28.44 -27.43 -9.54
N TYR E 195 27.92 -26.25 -9.85
CA TYR E 195 28.25 -25.04 -9.10
C TYR E 195 27.21 -24.81 -8.01
N VAL E 196 27.48 -25.34 -6.84
CA VAL E 196 26.69 -25.13 -5.64
C VAL E 196 27.70 -24.89 -4.54
N ILE E 197 27.49 -23.83 -3.75
CA ILE E 197 28.44 -23.40 -2.74
C ILE E 197 27.74 -23.41 -1.38
N ILE E 198 28.38 -23.94 -0.35
CA ILE E 198 27.86 -23.87 1.00
C ILE E 198 28.36 -22.61 1.70
N LYS E 199 27.43 -21.80 2.19
CA LYS E 199 27.75 -20.53 2.86
C LYS E 199 26.98 -20.42 4.17
N PRO E 200 27.44 -19.54 5.07
CA PRO E 200 26.59 -19.27 6.24
C PRO E 200 25.24 -18.69 5.84
N LEU E 201 24.23 -19.02 6.63
CA LEU E 201 22.91 -18.41 6.56
C LEU E 201 22.94 -17.02 7.20
N VAL E 202 22.69 -15.98 6.42
CA VAL E 202 22.80 -14.62 6.95
C VAL E 202 21.47 -13.88 6.94
N TRP E 203 20.44 -14.53 6.41
CA TRP E 203 19.15 -13.88 6.21
C TRP E 203 18.06 -14.39 7.12
N VAL E 204 18.38 -15.39 7.92
CA VAL E 204 17.56 -15.72 9.07
C VAL E 204 18.39 -15.38 10.31
C1 NAG F . 40.32 -14.41 0.18
C2 NAG F . 41.75 -14.53 0.72
C3 NAG F . 42.04 -15.95 1.15
C4 NAG F . 41.04 -16.34 2.22
C5 NAG F . 39.61 -16.10 1.75
C6 NAG F . 38.62 -16.25 2.90
C7 NAG F . 43.62 -13.12 0.12
C8 NAG F . 44.62 -12.69 -0.90
N2 NAG F . 42.75 -14.08 -0.22
O3 NAG F . 43.34 -16.03 1.68
O4 NAG F . 41.25 -17.71 2.52
O5 NAG F . 39.43 -14.80 1.21
O6 NAG F . 38.85 -17.44 3.62
O7 NAG F . 43.63 -12.61 1.25
CA CA G . 32.13 0.70 -19.25
CA CA H . 29.65 3.20 -20.84
OXT N7P I . 29.94 -0.34 -20.06
C N7P I . 28.74 0.07 -20.25
O N7P I . 28.56 1.13 -20.88
CA N7P I . 27.54 -0.67 -19.78
N N7P I . 27.78 -2.06 -19.79
C1 N7P I . 28.23 -2.84 -20.97
O1 N7P I . 28.40 -4.06 -20.85
C2 N7P I . 28.48 -2.15 -22.25
CD N7P I . 27.52 -2.62 -18.49
CG N7P I . 26.80 -1.56 -17.74
CB N7P I . 27.23 -0.27 -18.38
C1 NAG J . 26.66 32.87 1.12
C2 NAG J . 27.52 33.85 1.89
C3 NAG J . 28.74 33.11 2.41
C4 NAG J . 28.30 32.09 3.46
C5 NAG J . 26.89 31.54 3.18
C6 NAG J . 25.84 32.21 4.08
C7 NAG J . 27.24 36.16 1.17
C8 NAG J . 27.24 37.04 -0.05
N2 NAG J . 27.85 34.97 1.04
O3 NAG J . 29.67 33.99 3.00
O4 NAG J . 29.26 31.05 3.61
O5 NAG J . 26.51 31.63 1.81
O6 NAG J . 24.54 31.73 3.78
O7 NAG J . 26.71 36.52 2.21
CA CA K . 3.91 31.78 -17.57
CA CA L . 7.30 33.10 -16.25
OXT N7P M . 7.45 30.87 -17.32
C N7P M . 6.60 29.93 -17.55
O N7P M . 5.47 30.23 -17.98
CA N7P M . 6.87 28.51 -17.32
N N7P M . 8.24 28.20 -17.47
C1 N7P M . 9.01 28.38 -18.71
O1 N7P M . 10.20 28.06 -18.77
C2 N7P M . 8.29 28.94 -19.86
CD N7P M . 8.78 27.64 -16.26
CG N7P M . 7.56 27.19 -15.51
CB N7P M . 6.53 28.20 -15.89
C1 NAG N . -22.45 35.77 8.59
C2 NAG N . -23.28 36.68 9.52
C3 NAG N . -22.70 38.08 9.63
C4 NAG N . -21.22 38.02 9.95
C5 NAG N . -20.51 37.06 8.97
C6 NAG N . -19.03 36.95 9.34
C7 NAG N . -25.73 36.48 9.76
C8 NAG N . -25.62 36.08 11.20
N2 NAG N . -24.65 36.82 9.06
O3 NAG N . -23.37 38.82 10.64
O4 NAG N . -20.65 39.31 9.85
O5 NAG N . -21.11 35.77 9.02
O6 NAG N . -18.89 36.13 10.49
O7 NAG N . -26.85 36.48 9.24
CA CA O . -30.80 19.30 -9.42
CA CA P . -30.89 15.83 -11.18
OXT N7P Q . -28.87 18.86 -10.95
C N7P Q . -28.28 17.83 -11.40
O N7P Q . -29.00 16.91 -11.94
CA N7P Q . -26.83 17.64 -11.31
N N7P Q . -26.09 18.84 -11.49
C1 N7P Q . -26.22 19.79 -12.61
O1 N7P Q . -25.49 20.80 -12.63
C2 N7P Q . -27.20 19.53 -13.67
CD N7P Q . -25.15 19.01 -10.43
CG N7P Q . -25.08 17.68 -9.77
CB N7P Q . -26.47 17.15 -9.94
C1 NAG R . -39.46 -11.14 13.47
C2 NAG R . -40.40 -11.71 14.53
C3 NAG R . -41.50 -10.72 14.91
C4 NAG R . -40.93 -9.37 15.25
C5 NAG R . -40.10 -8.95 14.04
C6 NAG R . -39.56 -7.52 14.16
C7 NAG R . -40.92 -14.06 14.77
C8 NAG R . -41.67 -15.23 14.22
N2 NAG R . -41.03 -12.93 14.10
O3 NAG R . -42.23 -11.23 16.02
O4 NAG R . -41.98 -8.45 15.45
O5 NAG R . -39.04 -9.85 13.84
O6 NAG R . -38.80 -7.38 15.34
O7 NAG R . -40.25 -14.17 15.79
CA CA S . -26.55 -22.75 -9.91
CA CA T . -29.48 -21.83 -7.53
OXT N7P U . -28.58 -19.92 -8.82
C N7P U . -27.51 -19.62 -9.49
O N7P U . -26.90 -20.49 -10.15
CA N7P U . -26.89 -18.29 -9.52
N N7P U . -27.81 -17.24 -9.30
C1 N7P U . -28.86 -16.85 -10.26
O1 N7P U . -29.60 -15.91 -9.99
C2 N7P U . -28.97 -17.62 -11.50
CD N7P U . -27.54 -16.60 -8.05
CG N7P U . -26.09 -16.89 -7.80
CB N7P U . -25.88 -18.23 -8.43
C1 NAG V . -0.67 -40.25 9.71
C2 NAG V . -0.64 -41.32 10.80
C3 NAG V . -1.87 -41.23 11.70
C4 NAG V . -2.12 -39.80 12.22
C5 NAG V . -2.00 -38.80 11.06
C6 NAG V . -2.09 -37.35 11.54
C7 NAG V . 0.50 -43.36 10.16
C8 NAG V . 0.40 -44.68 9.46
N2 NAG V . -0.59 -42.60 10.14
O3 NAG V . -1.70 -42.11 12.80
O4 NAG V . -3.43 -39.68 12.79
O5 NAG V . -0.81 -39.00 10.34
O6 NAG V . -1.12 -37.08 12.55
O7 NAG V . 1.55 -43.03 10.71
CA CA W . 9.20 -33.61 -13.62
CA CA X . 10.61 -30.85 -15.92
OXT N7P Y . 7.47 -32.09 -14.55
C N7P Y . 7.49 -30.88 -14.99
O N7P Y . 8.35 -30.52 -15.82
CA N7P Y . 6.53 -29.87 -14.52
N N7P Y . 5.24 -30.42 -14.24
C1 N7P Y . 4.47 -31.25 -15.19
O1 N7P Y . 3.35 -31.69 -14.90
C2 N7P Y . 5.10 -31.54 -16.50
CD N7P Y . 4.83 -30.00 -12.94
CG N7P Y . 5.72 -28.83 -12.61
CB N7P Y . 7.01 -29.27 -13.25
#